data_8K06
#
_entry.id   8K06
#
_cell.length_a   72.560
_cell.length_b   105.838
_cell.length_c   73.555
_cell.angle_alpha   90.00
_cell.angle_beta   118.87
_cell.angle_gamma   90.00
#
_symmetry.space_group_name_H-M   'P 1 21 1'
#
loop_
_entity.id
_entity.type
_entity.pdbx_description
1 polymer "Pseudouridine-5'-phosphate glycosidase"
2 non-polymer 'MANGANESE (II) ION'
3 non-polymer "PSEUDOURIDINE-5'-MONOPHOSPHATE"
4 non-polymer 5-O-phosphono-beta-D-ribofuranose
5 water water
#
_entity_poly.entity_id   1
_entity_poly.type   'polypeptide(L)'
_entity_poly.pdbx_seq_one_letter_code
;MASSLAQSRISNLQNHLSPLEANNKLRSLVKISPQVSEALSNGRAVVALESTIISHGMPYPQNLQTAKEVESIVRENGAI
PATIAILNGVPCIGLSEEELERLASLGKSVQKTAGRDIANVVATRGNGATTVSATLFFASMVGIQVFVTGGIGGVHRHAN
HSMDISSDLTALGRTPIAVISAGVASILDIPKTLEYLETQEVYVAAYKSDEFPAFFTEKSGCKAPSRVNSPEDCARVIDA
NMKLNRQAGILFAIPIPKHHSAAGNLIESATQRALTEAREQNVTGNAETPFLLARVNELTGGTSLAANIALVKNNALIGS
QIAVALSQLMLEHHHHHHHH
;
_entity_poly.pdbx_strand_id   A,B,C
#
loop_
_chem_comp.id
_chem_comp.type
_chem_comp.name
_chem_comp.formula
MN non-polymer 'MANGANESE (II) ION' 'Mn 2'
PSU RNA linking PSEUDOURIDINE-5'-MONOPHOSPHATE 'C9 H13 N2 O9 P'
RP5 D-saccharide, beta linking 5-O-phosphono-beta-D-ribofuranose 'C5 H11 O8 P'
#
# COMPACT_ATOMS: atom_id res chain seq x y z
N SER A 28 18.80 -14.87 -16.42
CA SER A 28 19.01 -13.43 -16.58
C SER A 28 20.04 -12.90 -15.57
N LEU A 29 19.54 -12.25 -14.53
CA LEU A 29 20.38 -11.68 -13.47
C LEU A 29 20.41 -12.60 -12.24
N VAL A 30 19.35 -13.37 -12.09
CA VAL A 30 19.19 -14.26 -10.95
C VAL A 30 19.83 -15.63 -11.21
N LYS A 31 20.60 -16.12 -10.26
CA LYS A 31 21.24 -17.44 -10.37
C LYS A 31 20.42 -18.49 -9.61
N ILE A 32 19.80 -19.41 -10.33
CA ILE A 32 19.02 -20.49 -9.73
C ILE A 32 19.82 -21.79 -9.74
N SER A 33 19.94 -22.45 -8.60
CA SER A 33 20.74 -23.68 -8.52
C SER A 33 20.09 -24.76 -9.40
N PRO A 34 20.91 -25.67 -9.97
CA PRO A 34 20.34 -26.75 -10.81
C PRO A 34 19.21 -27.53 -10.14
N GLN A 35 19.37 -27.84 -8.86
CA GLN A 35 18.38 -28.66 -8.16
C GLN A 35 17.04 -27.91 -8.04
N VAL A 36 17.11 -26.61 -7.79
CA VAL A 36 15.89 -25.81 -7.69
C VAL A 36 15.27 -25.65 -9.06
N SER A 37 16.09 -25.36 -10.05
CA SER A 37 15.61 -25.17 -11.41
C SER A 37 14.87 -26.41 -11.92
N GLU A 38 15.46 -27.57 -11.68
CA GLU A 38 14.86 -28.83 -12.12
C GLU A 38 13.53 -29.07 -11.41
N ALA A 39 13.49 -28.83 -10.11
CA ALA A 39 12.29 -29.04 -9.36
C ALA A 39 11.18 -28.11 -9.88
N LEU A 40 11.51 -26.84 -10.14
CA LEU A 40 10.49 -25.89 -10.62
C LEU A 40 9.99 -26.29 -12.02
N SER A 41 10.90 -26.79 -12.86
CA SER A 41 10.53 -27.22 -14.21
C SER A 41 9.57 -28.38 -14.19
N ASN A 42 9.68 -29.22 -13.16
CA ASN A 42 8.88 -30.44 -13.06
C ASN A 42 7.69 -30.35 -12.12
N GLY A 43 7.45 -29.17 -11.57
CA GLY A 43 6.32 -28.96 -10.69
C GLY A 43 6.50 -29.65 -9.35
N ARG A 44 7.75 -29.97 -9.01
CA ARG A 44 8.00 -30.60 -7.71
C ARG A 44 8.05 -29.55 -6.60
N ALA A 45 7.81 -30.00 -5.38
CA ALA A 45 7.73 -29.11 -4.24
C ALA A 45 9.05 -28.45 -3.96
N VAL A 46 8.98 -27.14 -3.78
CA VAL A 46 10.13 -26.32 -3.43
C VAL A 46 9.76 -25.44 -2.25
N VAL A 47 10.68 -25.33 -1.29
CA VAL A 47 10.51 -24.44 -0.14
C VAL A 47 11.60 -23.38 -0.10
N ALA A 48 11.23 -22.09 -0.18
CA ALA A 48 12.21 -21.01 -0.07
C ALA A 48 12.62 -20.84 1.39
N LEU A 49 13.86 -20.45 1.61
CA LEU A 49 14.39 -20.21 2.94
C LEU A 49 15.23 -18.95 2.92
N GLU A 50 15.26 -18.20 4.02
CA GLU A 50 16.08 -17.00 4.08
C GLU A 50 17.43 -17.32 4.71
N SER A 51 18.35 -16.36 4.68
CA SER A 51 19.72 -16.57 5.12
C SER A 51 20.13 -15.79 6.37
N THR A 52 19.28 -14.87 6.84
CA THR A 52 19.66 -13.99 7.96
C THR A 52 19.93 -14.70 9.29
N ILE A 53 19.27 -15.82 9.57
CA ILE A 53 19.61 -16.56 10.79
C ILE A 53 21.01 -17.14 10.71
N ILE A 54 21.43 -17.49 9.50
CA ILE A 54 22.80 -17.93 9.27
C ILE A 54 23.73 -16.77 9.57
N SER A 55 23.39 -15.61 9.02
CA SER A 55 24.26 -14.43 9.09
C SER A 55 24.14 -13.69 10.41
N HIS A 56 22.95 -13.66 10.98
CA HIS A 56 22.74 -12.75 12.10
C HIS A 56 22.23 -13.49 13.34
N GLY A 57 22.00 -14.79 13.22
CA GLY A 57 21.42 -15.54 14.34
C GLY A 57 22.37 -16.29 15.25
N MET A 58 23.50 -16.77 14.72
CA MET A 58 24.47 -17.50 15.56
C MET A 58 25.87 -17.52 14.93
N PRO A 59 26.90 -17.81 15.75
CA PRO A 59 28.32 -17.88 15.37
C PRO A 59 28.73 -19.10 14.55
N TYR A 60 29.78 -18.95 13.74
CA TYR A 60 30.33 -20.02 12.90
C TYR A 60 31.12 -21.00 13.76
N PRO A 61 31.21 -22.29 13.38
CA PRO A 61 30.61 -23.06 12.27
C PRO A 61 29.30 -23.75 12.67
N GLN A 62 28.85 -23.51 13.89
CA GLN A 62 27.59 -24.09 14.34
C GLN A 62 26.44 -23.56 13.47
N ASN A 63 26.60 -22.32 13.00
CA ASN A 63 25.60 -21.70 12.14
C ASN A 63 25.42 -22.47 10.84
N LEU A 64 26.52 -22.98 10.29
CA LEU A 64 26.46 -23.80 9.08
C LEU A 64 25.77 -25.15 9.34
N GLN A 65 26.11 -25.79 10.47
CA GLN A 65 25.51 -27.09 10.78
C GLN A 65 23.99 -26.93 10.94
N THR A 66 23.56 -25.84 11.56
CA THR A 66 22.13 -25.61 11.75
C THR A 66 21.43 -25.42 10.42
N ALA A 67 22.07 -24.66 9.52
CA ALA A 67 21.50 -24.39 8.20
C ALA A 67 21.36 -25.70 7.43
N LYS A 68 22.37 -26.57 7.54
CA LYS A 68 22.34 -27.87 6.91
C LYS A 68 21.21 -28.70 7.49
N GLU A 69 21.02 -28.62 8.81
CA GLU A 69 19.96 -29.43 9.43
C GLU A 69 18.57 -28.98 8.97
N VAL A 70 18.38 -27.67 8.80
CA VAL A 70 17.09 -27.17 8.32
C VAL A 70 16.86 -27.63 6.88
N GLU A 71 17.87 -27.49 6.02
CA GLU A 71 17.73 -27.93 4.63
C GLU A 71 17.47 -29.43 4.55
N SER A 72 18.06 -30.20 5.47
CA SER A 72 17.84 -31.64 5.48
C SER A 72 16.40 -32.00 5.86
N ILE A 73 15.82 -31.23 6.78
CA ILE A 73 14.41 -31.45 7.15
C ILE A 73 13.53 -31.25 5.93
N VAL A 74 13.82 -30.22 5.15
CA VAL A 74 13.07 -29.97 3.93
C VAL A 74 13.18 -31.15 2.94
N ARG A 75 14.40 -31.61 2.68
CA ARG A 75 14.61 -32.71 1.72
C ARG A 75 13.97 -34.01 2.23
N GLU A 76 14.05 -34.22 3.54
CA GLU A 76 13.53 -35.44 4.18
C GLU A 76 12.01 -35.51 4.10
N ASN A 77 11.39 -34.35 3.95
CA ASN A 77 9.94 -34.33 3.87
C ASN A 77 9.43 -34.09 2.45
N GLY A 78 10.30 -34.32 1.48
CA GLY A 78 9.90 -34.40 0.09
C GLY A 78 10.02 -33.15 -0.74
N ALA A 79 10.67 -32.10 -0.19
CA ALA A 79 10.81 -30.87 -0.95
C ALA A 79 12.26 -30.51 -1.20
N ILE A 80 12.47 -29.61 -2.14
CA ILE A 80 13.79 -29.11 -2.47
C ILE A 80 13.94 -27.77 -1.79
N PRO A 81 14.94 -27.64 -0.91
CA PRO A 81 15.11 -26.33 -0.27
C PRO A 81 15.80 -25.34 -1.19
N ALA A 82 15.30 -24.10 -1.17
CA ALA A 82 15.87 -23.03 -1.98
C ALA A 82 16.27 -21.90 -1.04
N THR A 83 17.44 -21.99 -0.43
CA THR A 83 17.94 -20.89 0.39
C THR A 83 18.33 -19.73 -0.52
N ILE A 84 17.85 -18.54 -0.16
CA ILE A 84 18.04 -17.34 -0.98
C ILE A 84 18.98 -16.36 -0.30
N ALA A 85 19.93 -15.82 -1.07
CA ALA A 85 20.88 -14.84 -0.57
C ALA A 85 21.46 -14.08 -1.74
N ILE A 86 22.21 -13.03 -1.46
CA ILE A 86 22.97 -12.34 -2.52
C ILE A 86 24.45 -12.51 -2.26
N LEU A 87 25.18 -13.04 -3.24
CA LEU A 87 26.62 -13.24 -3.12
C LEU A 87 27.37 -12.54 -4.26
N ASN A 88 28.30 -11.66 -3.90
CA ASN A 88 29.04 -10.85 -4.88
C ASN A 88 28.11 -10.14 -5.85
N GLY A 89 27.00 -9.61 -5.33
CA GLY A 89 26.04 -8.90 -6.16
C GLY A 89 25.10 -9.77 -6.96
N VAL A 90 25.22 -11.09 -6.84
CA VAL A 90 24.38 -11.98 -7.61
C VAL A 90 23.30 -12.61 -6.73
N PRO A 91 22.01 -12.38 -7.06
CA PRO A 91 20.94 -13.07 -6.32
C PRO A 91 21.00 -14.57 -6.58
N CYS A 92 21.04 -15.37 -5.51
CA CYS A 92 21.11 -16.81 -5.63
C CYS A 92 19.81 -17.41 -5.11
N ILE A 93 19.14 -18.22 -5.92
CA ILE A 93 17.96 -18.93 -5.42
C ILE A 93 18.33 -20.40 -5.35
N GLY A 94 18.57 -20.89 -4.14
CA GLY A 94 19.17 -22.20 -3.95
C GLY A 94 20.66 -22.00 -3.80
N LEU A 95 21.24 -22.53 -2.74
CA LEU A 95 22.67 -22.38 -2.52
C LEU A 95 23.34 -23.73 -2.65
N SER A 96 24.51 -23.74 -3.28
CA SER A 96 25.38 -24.93 -3.32
C SER A 96 26.05 -25.11 -1.98
N GLU A 97 26.67 -26.28 -1.78
CA GLU A 97 27.43 -26.52 -0.55
C GLU A 97 28.53 -25.47 -0.35
N GLU A 98 29.22 -25.13 -1.44
CA GLU A 98 30.27 -24.14 -1.36
C GLU A 98 29.69 -22.78 -0.99
N GLU A 99 28.54 -22.44 -1.57
CA GLU A 99 27.93 -21.13 -1.31
C GLU A 99 27.44 -20.98 0.12
N LEU A 100 26.86 -22.04 0.66
CA LEU A 100 26.44 -22.09 2.06
C LEU A 100 27.66 -21.91 2.95
N GLU A 101 28.78 -22.57 2.61
CA GLU A 101 30.02 -22.39 3.38
C GLU A 101 30.48 -20.96 3.36
N ARG A 102 30.50 -20.32 2.18
CA ARG A 102 30.94 -18.94 2.12
C ARG A 102 30.02 -18.01 2.93
N LEU A 103 28.72 -18.18 2.77
CA LEU A 103 27.80 -17.34 3.50
C LEU A 103 28.03 -17.49 5.01
N ALA A 104 28.18 -18.74 5.46
CA ALA A 104 28.34 -19.03 6.88
C ALA A 104 29.63 -18.45 7.42
N SER A 105 30.68 -18.44 6.60
CA SER A 105 31.98 -17.98 7.07
C SER A 105 32.01 -16.46 7.10
N LEU A 106 31.22 -15.81 6.25
CA LEU A 106 31.09 -14.35 6.29
C LEU A 106 30.44 -13.89 7.60
N GLY A 107 29.60 -14.75 8.19
CA GLY A 107 28.96 -14.44 9.46
C GLY A 107 28.16 -13.16 9.40
N LYS A 108 28.28 -12.32 10.43
CA LYS A 108 27.51 -11.10 10.50
C LYS A 108 28.06 -9.99 9.59
N SER A 109 29.13 -10.26 8.86
CA SER A 109 29.69 -9.27 7.94
C SER A 109 28.81 -9.10 6.69
N VAL A 110 27.86 -9.99 6.52
CA VAL A 110 26.91 -9.89 5.42
C VAL A 110 25.88 -8.78 5.73
N GLN A 111 25.47 -8.06 4.70
CA GLN A 111 24.49 -6.98 4.83
C GLN A 111 23.07 -7.50 5.04
N LYS A 112 22.41 -7.02 6.09
CA LYS A 112 20.98 -7.30 6.27
C LYS A 112 20.25 -6.62 5.12
N THR A 113 19.62 -7.42 4.26
CA THR A 113 19.11 -6.89 2.99
C THR A 113 17.60 -7.01 2.93
N ALA A 114 16.90 -5.90 3.18
CA ALA A 114 15.46 -5.86 2.95
C ALA A 114 15.17 -5.69 1.45
N GLY A 115 13.90 -5.79 1.07
CA GLY A 115 13.55 -5.64 -0.33
C GLY A 115 14.11 -4.35 -0.94
N ARG A 116 14.05 -3.28 -0.17
CA ARG A 116 14.50 -1.99 -0.69
C ARG A 116 16.03 -1.87 -0.84
N ASP A 117 16.76 -2.84 -0.26
CA ASP A 117 18.22 -2.86 -0.31
C ASP A 117 18.77 -3.72 -1.44
N ILE A 118 17.93 -4.52 -2.07
CA ILE A 118 18.39 -5.48 -3.06
C ILE A 118 19.20 -4.79 -4.18
N ALA A 119 18.65 -3.76 -4.79
CA ALA A 119 19.31 -3.09 -5.92
C ALA A 119 20.68 -2.57 -5.54
N ASN A 120 20.78 -2.01 -4.33
CA ASN A 120 22.03 -1.46 -3.84
C ASN A 120 23.08 -2.56 -3.64
N VAL A 121 22.68 -3.67 -3.05
CA VAL A 121 23.63 -4.76 -2.80
C VAL A 121 24.09 -5.36 -4.13
N VAL A 122 23.16 -5.52 -5.06
CA VAL A 122 23.51 -5.96 -6.40
C VAL A 122 24.50 -4.97 -7.05
N ALA A 123 24.17 -3.68 -7.00
CA ALA A 123 24.98 -2.67 -7.70
C ALA A 123 26.39 -2.53 -7.14
N THR A 124 26.54 -2.75 -5.83
CA THR A 124 27.84 -2.64 -5.18
C THR A 124 28.58 -3.99 -5.12
N ARG A 125 27.99 -5.02 -5.74
CA ARG A 125 28.55 -6.36 -5.76
C ARG A 125 28.75 -6.91 -4.34
N GLY A 126 27.82 -6.58 -3.45
CA GLY A 126 27.96 -6.96 -2.06
C GLY A 126 27.40 -8.34 -1.74
N ASN A 127 27.61 -8.76 -0.49
CA ASN A 127 27.00 -9.96 0.02
C ASN A 127 25.81 -9.54 0.86
N GLY A 128 24.70 -10.23 0.69
CA GLY A 128 23.51 -9.84 1.40
C GLY A 128 22.74 -11.03 1.90
N ALA A 129 22.33 -10.96 3.16
CA ALA A 129 21.38 -11.88 3.72
C ALA A 129 19.99 -11.28 3.61
N THR A 130 19.14 -11.92 2.82
CA THR A 130 17.85 -11.35 2.51
C THR A 130 16.85 -11.60 3.64
N THR A 131 16.14 -10.54 4.03
CA THR A 131 15.08 -10.61 5.04
C THR A 131 13.83 -11.23 4.42
N VAL A 132 12.75 -11.30 5.20
CA VAL A 132 11.49 -11.78 4.63
C VAL A 132 11.03 -10.97 3.41
N SER A 133 11.10 -9.64 3.49
CA SER A 133 10.62 -8.85 2.36
C SER A 133 11.46 -9.05 1.09
N ALA A 134 12.78 -9.18 1.22
CA ALA A 134 13.64 -9.40 0.05
C ALA A 134 13.50 -10.84 -0.48
N THR A 135 13.40 -11.80 0.44
CA THR A 135 13.29 -13.20 0.06
C THR A 135 11.97 -13.48 -0.66
N LEU A 136 10.89 -12.85 -0.19
CA LEU A 136 9.58 -12.93 -0.84
C LEU A 136 9.65 -12.56 -2.31
N PHE A 137 10.33 -11.46 -2.57
CA PHE A 137 10.47 -10.93 -3.92
C PHE A 137 11.11 -11.98 -4.83
N PHE A 138 12.25 -12.52 -4.41
CA PHE A 138 12.93 -13.50 -5.25
C PHE A 138 12.21 -14.84 -5.38
N ALA A 139 11.65 -15.35 -4.28
CA ALA A 139 10.93 -16.62 -4.34
C ALA A 139 9.75 -16.50 -5.29
N SER A 140 9.01 -15.40 -5.18
CA SER A 140 7.82 -15.24 -6.00
C SER A 140 8.17 -15.08 -7.47
N MET A 141 9.28 -14.40 -7.72
CA MET A 141 9.80 -14.15 -9.06
C MET A 141 9.98 -15.43 -9.89
N VAL A 142 10.43 -16.50 -9.24
CA VAL A 142 10.73 -17.74 -9.97
C VAL A 142 9.67 -18.80 -9.80
N GLY A 143 8.58 -18.46 -9.12
CA GLY A 143 7.45 -19.37 -9.00
C GLY A 143 7.45 -20.29 -7.79
N ILE A 144 8.20 -19.94 -6.75
CA ILE A 144 8.14 -20.71 -5.52
C ILE A 144 6.92 -20.26 -4.71
N GLN A 145 6.13 -21.20 -4.20
CA GLN A 145 4.86 -20.82 -3.57
C GLN A 145 4.90 -20.80 -2.05
N VAL A 146 5.92 -21.44 -1.49
CA VAL A 146 6.00 -21.63 -0.05
C VAL A 146 7.36 -21.16 0.44
N PHE A 147 7.34 -20.31 1.44
CA PHE A 147 8.55 -19.71 1.97
C PHE A 147 8.52 -19.90 3.49
N VAL A 148 9.47 -20.68 4.00
CA VAL A 148 9.55 -20.95 5.44
C VAL A 148 10.49 -19.94 6.08
N THR A 149 10.01 -19.30 7.16
CA THR A 149 10.83 -18.36 7.91
C THR A 149 10.72 -18.74 9.39
N GLY A 150 11.32 -17.97 10.29
CA GLY A 150 11.07 -18.20 11.71
C GLY A 150 9.87 -17.35 12.13
N GLY A 151 10.10 -16.05 12.21
CA GLY A 151 9.06 -15.08 12.53
C GLY A 151 9.08 -14.02 11.45
N ILE A 152 7.98 -13.30 11.33
CA ILE A 152 7.92 -12.21 10.39
C ILE A 152 8.06 -10.87 11.15
N GLY A 153 8.61 -9.86 10.50
CA GLY A 153 8.66 -8.52 11.07
C GLY A 153 7.25 -7.98 11.24
N GLY A 154 7.08 -6.90 11.99
CA GLY A 154 5.74 -6.41 12.22
C GLY A 154 5.72 -4.94 12.57
N VAL A 155 4.62 -4.54 13.21
CA VAL A 155 4.47 -3.20 13.75
C VAL A 155 5.23 -3.13 15.08
N HIS A 156 6.18 -2.21 15.17
CA HIS A 156 6.98 -2.11 16.39
C HIS A 156 6.18 -1.47 17.52
N ARG A 157 6.61 -1.72 18.74
CA ARG A 157 5.98 -1.08 19.89
C ARG A 157 6.20 0.42 19.77
N HIS A 158 5.17 1.19 20.14
CA HIS A 158 5.20 2.66 20.07
C HIS A 158 5.26 3.12 18.61
N ALA A 159 4.76 2.29 17.71
CA ALA A 159 4.70 2.65 16.31
C ALA A 159 3.79 3.87 16.14
N ASN A 160 3.00 4.17 17.17
CA ASN A 160 2.14 5.35 17.11
C ASN A 160 2.95 6.65 17.12
N HIS A 161 4.15 6.62 17.69
CA HIS A 161 5.03 7.78 17.66
C HIS A 161 6.17 7.66 16.64
N SER A 162 6.43 6.45 16.15
CA SER A 162 7.60 6.28 15.28
C SER A 162 7.24 5.94 13.83
N MET A 163 6.09 5.30 13.64
CA MET A 163 5.69 4.69 12.36
C MET A 163 6.67 3.61 11.92
N ASP A 164 7.37 3.03 12.88
CA ASP A 164 8.30 1.95 12.53
C ASP A 164 7.53 0.65 12.30
N ILE A 165 7.38 0.29 11.02
CA ILE A 165 6.60 -0.88 10.63
C ILE A 165 7.38 -1.68 9.56
N SER A 166 7.51 -2.98 9.76
CA SER A 166 8.38 -3.78 8.88
C SER A 166 7.85 -3.80 7.46
N SER A 167 8.75 -3.67 6.48
CA SER A 167 8.36 -3.83 5.07
C SER A 167 7.95 -5.27 4.76
N ASP A 168 8.22 -6.23 5.66
CA ASP A 168 7.69 -7.57 5.48
C ASP A 168 6.18 -7.52 5.30
N LEU A 169 5.50 -6.61 6.00
CA LEU A 169 4.04 -6.61 5.94
C LEU A 169 3.53 -6.10 4.61
N THR A 170 4.12 -5.01 4.12
CA THR A 170 3.69 -4.47 2.83
C THR A 170 4.07 -5.41 1.67
N ALA A 171 5.25 -6.01 1.77
CA ALA A 171 5.70 -6.98 0.78
C ALA A 171 4.71 -8.15 0.67
N LEU A 172 4.32 -8.73 1.80
CA LEU A 172 3.39 -9.86 1.75
C LEU A 172 2.01 -9.40 1.23
N GLY A 173 1.61 -8.16 1.50
CA GLY A 173 0.37 -7.65 0.97
C GLY A 173 0.33 -7.50 -0.55
N ARG A 174 1.49 -7.54 -1.20
CA ARG A 174 1.46 -7.45 -2.66
C ARG A 174 2.28 -8.54 -3.34
N THR A 175 2.53 -9.64 -2.65
CA THR A 175 3.24 -10.78 -3.25
C THR A 175 2.46 -12.05 -2.98
N PRO A 176 2.02 -12.73 -4.04
CA PRO A 176 1.18 -13.92 -3.82
C PRO A 176 2.02 -15.17 -3.52
N ILE A 177 2.38 -15.32 -2.26
CA ILE A 177 3.23 -16.39 -1.79
C ILE A 177 2.77 -16.70 -0.39
N ALA A 178 2.97 -17.93 0.06
CA ALA A 178 2.63 -18.29 1.44
C ALA A 178 3.88 -18.27 2.29
N VAL A 179 3.83 -17.53 3.39
CA VAL A 179 4.91 -17.47 4.35
C VAL A 179 4.58 -18.38 5.52
N ILE A 180 5.49 -19.28 5.85
CA ILE A 180 5.29 -20.18 6.97
C ILE A 180 6.13 -19.67 8.14
N SER A 181 5.46 -19.18 9.18
CA SER A 181 6.14 -18.57 10.32
C SER A 181 5.67 -19.22 11.60
N ALA A 182 6.26 -18.85 12.72
CA ALA A 182 5.73 -19.23 14.03
C ALA A 182 5.02 -18.07 14.68
N GLY A 183 4.50 -17.16 13.86
CA GLY A 183 3.79 -16.01 14.38
C GLY A 183 4.70 -14.79 14.47
N VAL A 184 4.43 -13.93 15.45
CA VAL A 184 5.17 -12.67 15.61
C VAL A 184 5.68 -12.58 17.04
N ALA A 185 6.94 -12.20 17.20
CA ALA A 185 7.56 -12.08 18.54
C ALA A 185 6.98 -10.94 19.36
N SER A 186 6.97 -11.13 20.68
CA SER A 186 6.41 -10.12 21.58
C SER A 186 7.29 -8.87 21.72
N ILE A 187 8.47 -8.89 21.12
CA ILE A 187 9.24 -7.64 21.01
C ILE A 187 8.48 -6.63 20.14
N LEU A 188 7.59 -7.15 19.30
CA LEU A 188 6.74 -6.33 18.42
C LEU A 188 5.34 -6.16 19.02
N ASP A 189 4.52 -5.32 18.39
CA ASP A 189 3.13 -5.13 18.80
C ASP A 189 2.26 -6.11 18.03
N ILE A 190 1.93 -7.22 18.67
CA ILE A 190 1.24 -8.28 17.95
C ILE A 190 -0.17 -7.87 17.52
N PRO A 191 -0.95 -7.26 18.42
CA PRO A 191 -2.31 -6.85 18.01
C PRO A 191 -2.28 -5.89 16.82
N LYS A 192 -1.37 -4.91 16.83
CA LYS A 192 -1.33 -3.96 15.71
C LYS A 192 -0.82 -4.60 14.42
N THR A 193 0.09 -5.57 14.58
CA THR A 193 0.62 -6.30 13.45
C THR A 193 -0.51 -7.08 12.78
N LEU A 194 -1.37 -7.70 13.59
CA LEU A 194 -2.49 -8.43 13.04
C LEU A 194 -3.44 -7.49 12.31
N GLU A 195 -3.72 -6.31 12.89
CA GLU A 195 -4.57 -5.34 12.21
C GLU A 195 -3.94 -4.87 10.89
N TYR A 196 -2.65 -4.59 10.91
CA TYR A 196 -1.98 -4.10 9.71
C TYR A 196 -2.05 -5.13 8.57
N LEU A 197 -1.84 -6.41 8.91
CA LEU A 197 -1.95 -7.49 7.94
C LEU A 197 -3.36 -7.58 7.33
N GLU A 198 -4.41 -7.43 8.15
CA GLU A 198 -5.80 -7.41 7.64
C GLU A 198 -5.97 -6.29 6.63
N THR A 199 -5.47 -5.12 6.99
CA THR A 199 -5.56 -3.95 6.11
C THR A 199 -4.83 -4.19 4.77
N GLN A 200 -3.72 -4.90 4.82
CA GLN A 200 -2.94 -5.20 3.60
C GLN A 200 -3.50 -6.36 2.78
N GLU A 201 -4.62 -6.91 3.25
CA GLU A 201 -5.31 -8.05 2.61
C GLU A 201 -4.50 -9.34 2.64
N VAL A 202 -3.71 -9.52 3.69
CA VAL A 202 -2.99 -10.79 3.87
C VAL A 202 -3.87 -11.76 4.66
N TYR A 203 -4.11 -12.94 4.09
CA TYR A 203 -4.84 -13.99 4.82
C TYR A 203 -3.94 -14.54 5.92
N VAL A 204 -4.42 -14.50 7.15
CA VAL A 204 -3.64 -14.97 8.30
C VAL A 204 -4.38 -16.12 8.96
N ALA A 205 -3.69 -17.24 9.16
CA ALA A 205 -4.30 -18.39 9.84
C ALA A 205 -3.32 -19.08 10.78
N ALA A 206 -3.80 -19.45 11.96
CA ALA A 206 -3.02 -20.25 12.91
C ALA A 206 -3.21 -21.73 12.62
N TYR A 207 -2.16 -22.51 12.83
CA TYR A 207 -2.18 -23.93 12.51
C TYR A 207 -2.62 -24.74 13.73
N LYS A 208 -3.77 -25.41 13.60
CA LYS A 208 -4.28 -26.31 14.66
C LYS A 208 -4.44 -25.63 16.01
N SER A 209 -4.84 -24.36 15.97
CA SER A 209 -5.03 -23.60 17.19
C SER A 209 -5.96 -22.42 16.95
N ASP A 210 -6.68 -22.02 17.99
CA ASP A 210 -7.52 -20.83 17.92
C ASP A 210 -6.72 -19.61 18.39
N GLU A 211 -5.52 -19.83 18.90
CA GLU A 211 -4.72 -18.71 19.40
C GLU A 211 -3.56 -18.39 18.47
N PHE A 212 -3.39 -17.11 18.17
CA PHE A 212 -2.26 -16.69 17.32
C PHE A 212 -0.99 -16.85 18.13
N PRO A 213 0.00 -17.55 17.57
CA PRO A 213 1.25 -17.82 18.31
C PRO A 213 2.18 -16.61 18.36
N ALA A 214 3.11 -16.64 19.31
CA ALA A 214 4.03 -15.53 19.50
C ALA A 214 5.49 -15.99 19.42
N PHE A 215 5.84 -16.67 18.32
CA PHE A 215 7.26 -16.95 18.04
C PHE A 215 7.87 -17.89 19.12
N PHE A 216 8.57 -17.32 20.10
CA PHE A 216 9.17 -18.09 21.21
C PHE A 216 8.15 -18.87 22.00
N THR A 217 6.93 -18.33 22.09
CA THR A 217 5.90 -18.91 22.92
C THR A 217 4.65 -19.17 22.12
N GLU A 218 3.90 -20.20 22.51
CA GLU A 218 2.75 -20.60 21.73
C GLU A 218 1.56 -19.64 21.89
N LYS A 219 1.54 -18.87 22.98
CA LYS A 219 0.40 -18.02 23.31
C LYS A 219 0.72 -16.53 23.18
N SER A 220 -0.06 -15.81 22.39
CA SER A 220 0.16 -14.39 22.21
C SER A 220 -0.82 -13.57 23.03
N GLY A 221 -1.96 -14.17 23.36
CA GLY A 221 -3.03 -13.41 23.98
C GLY A 221 -4.02 -12.92 22.94
N CYS A 222 -3.75 -13.18 21.67
CA CYS A 222 -4.67 -12.78 20.60
C CYS A 222 -5.32 -13.99 19.96
N LYS A 223 -6.62 -13.89 19.69
CA LYS A 223 -7.33 -14.91 18.94
C LYS A 223 -6.77 -14.93 17.51
N ALA A 224 -6.65 -16.12 16.93
CA ALA A 224 -6.24 -16.20 15.53
C ALA A 224 -7.40 -15.76 14.62
N PRO A 225 -7.11 -14.96 13.60
CA PRO A 225 -8.21 -14.52 12.73
C PRO A 225 -8.81 -15.66 11.90
N SER A 226 -8.03 -16.72 11.69
CA SER A 226 -8.53 -17.89 10.98
C SER A 226 -7.69 -19.09 11.39
N ARG A 227 -8.12 -20.27 10.99
CA ARG A 227 -7.44 -21.51 11.42
C ARG A 227 -7.41 -22.50 10.28
N VAL A 228 -6.31 -23.25 10.20
CA VAL A 228 -6.17 -24.37 9.26
C VAL A 228 -5.65 -25.56 10.08
N ASN A 229 -6.06 -26.78 9.73
CA ASN A 229 -5.77 -27.92 10.62
C ASN A 229 -4.89 -29.04 10.04
N SER A 230 -4.40 -28.84 8.82
CA SER A 230 -3.51 -29.83 8.21
C SER A 230 -2.74 -29.19 7.05
N PRO A 231 -1.63 -29.82 6.63
CA PRO A 231 -0.87 -29.28 5.48
C PRO A 231 -1.73 -29.29 4.21
N GLU A 232 -2.64 -30.25 4.11
CA GLU A 232 -3.54 -30.32 2.98
C GLU A 232 -4.49 -29.13 2.96
N ASP A 233 -4.97 -28.74 4.13
CA ASP A 233 -5.84 -27.56 4.23
C ASP A 233 -5.12 -26.33 3.74
N CYS A 234 -3.87 -26.20 4.17
CA CYS A 234 -3.03 -25.07 3.76
C CYS A 234 -2.82 -25.04 2.26
N ALA A 235 -2.51 -26.19 1.67
CA ALA A 235 -2.27 -26.27 0.25
C ALA A 235 -3.52 -25.88 -0.52
N ARG A 236 -4.70 -26.23 0.00
CA ARG A 236 -5.94 -25.92 -0.71
C ARG A 236 -6.20 -24.42 -0.74
N VAL A 237 -5.85 -23.71 0.34
CA VAL A 237 -5.96 -22.24 0.34
C VAL A 237 -4.99 -21.60 -0.66
N ILE A 238 -3.75 -22.07 -0.66
CA ILE A 238 -2.75 -21.56 -1.57
C ILE A 238 -3.21 -21.82 -3.00
N ASP A 239 -3.71 -23.03 -3.25
CA ASP A 239 -4.16 -23.40 -4.59
C ASP A 239 -5.29 -22.48 -5.05
N ALA A 240 -6.26 -22.22 -4.17
CA ALA A 240 -7.33 -21.27 -4.49
C ALA A 240 -6.76 -19.88 -4.77
N ASN A 241 -5.83 -19.44 -3.94
CA ASN A 241 -5.24 -18.10 -4.12
C ASN A 241 -4.55 -17.98 -5.47
N MET A 242 -3.84 -19.04 -5.86
CA MET A 242 -3.15 -19.07 -7.14
C MET A 242 -4.12 -19.05 -8.33
N LYS A 243 -5.16 -19.87 -8.26
CA LYS A 243 -6.15 -19.92 -9.33
C LYS A 243 -6.88 -18.59 -9.50
N LEU A 244 -7.08 -17.87 -8.40
CA LEU A 244 -7.75 -16.57 -8.42
C LEU A 244 -6.86 -15.45 -8.94
N ASN A 245 -5.54 -15.71 -9.00
CA ASN A 245 -4.55 -14.71 -9.38
C ASN A 245 -4.56 -13.51 -8.43
N ARG A 246 -4.88 -13.75 -7.16
CA ARG A 246 -4.78 -12.65 -6.20
C ARG A 246 -3.33 -12.24 -6.05
N GLN A 247 -3.09 -10.94 -5.91
CA GLN A 247 -1.72 -10.46 -5.79
C GLN A 247 -1.35 -10.11 -4.34
N ALA A 248 -1.96 -10.81 -3.40
CA ALA A 248 -1.62 -10.66 -1.99
C ALA A 248 -1.27 -12.03 -1.46
N GLY A 249 -0.43 -12.08 -0.43
CA GLY A 249 0.03 -13.36 0.07
C GLY A 249 -0.71 -13.86 1.30
N ILE A 250 -0.11 -14.89 1.90
CA ILE A 250 -0.70 -15.62 3.02
C ILE A 250 0.34 -15.80 4.13
N LEU A 251 -0.10 -15.65 5.37
CA LEU A 251 0.73 -15.94 6.51
C LEU A 251 0.15 -17.12 7.26
N PHE A 252 0.85 -18.23 7.25
CA PHE A 252 0.49 -19.35 8.11
C PHE A 252 1.34 -19.24 9.37
N ALA A 253 0.71 -19.29 10.54
CA ALA A 253 1.45 -19.16 11.78
C ALA A 253 1.35 -20.49 12.51
N ILE A 254 2.50 -21.17 12.60
CA ILE A 254 2.62 -22.49 13.22
C ILE A 254 3.13 -22.36 14.65
N PRO A 255 2.29 -22.67 15.65
CA PRO A 255 2.78 -22.52 17.02
C PRO A 255 4.01 -23.39 17.28
N ILE A 256 4.98 -22.85 17.99
CA ILE A 256 6.15 -23.64 18.39
C ILE A 256 5.70 -24.91 19.13
N PRO A 257 6.36 -26.05 18.85
CA PRO A 257 5.95 -27.29 19.53
C PRO A 257 5.94 -27.11 21.05
N LYS A 258 4.92 -27.66 21.70
CA LYS A 258 4.67 -27.36 23.09
C LYS A 258 5.87 -27.60 24.01
N HIS A 259 6.62 -28.68 23.79
CA HIS A 259 7.75 -28.97 24.68
C HIS A 259 8.93 -28.03 24.45
N HIS A 260 8.90 -27.26 23.35
CA HIS A 260 10.00 -26.33 23.03
C HIS A 260 9.64 -24.88 23.33
N SER A 261 8.38 -24.67 23.71
CA SER A 261 7.89 -23.33 23.99
C SER A 261 8.64 -22.71 25.16
N ALA A 262 9.02 -21.45 25.03
CA ALA A 262 9.67 -20.74 26.14
C ALA A 262 8.59 -20.16 27.07
N ALA A 263 8.84 -20.21 28.38
CA ALA A 263 7.88 -19.69 29.35
C ALA A 263 7.64 -18.22 29.09
N GLY A 264 6.38 -17.79 29.11
CA GLY A 264 6.07 -16.43 28.70
C GLY A 264 6.54 -15.37 29.68
N ASN A 265 6.92 -15.77 30.89
CA ASN A 265 7.31 -14.78 31.89
C ASN A 265 8.82 -14.64 32.00
N LEU A 266 9.56 -15.55 31.39
CA LEU A 266 11.00 -15.44 31.41
C LEU A 266 11.40 -14.74 30.12
N ILE A 267 10.55 -14.91 29.11
CA ILE A 267 10.68 -14.23 27.84
C ILE A 267 10.28 -12.78 27.99
N GLU A 268 9.15 -12.56 28.68
CA GLU A 268 8.62 -11.22 28.85
C GLU A 268 9.58 -10.39 29.68
N SER A 269 10.20 -10.99 30.69
CA SER A 269 11.17 -10.28 31.50
C SER A 269 12.39 -9.85 30.68
N ALA A 270 12.96 -10.78 29.93
CA ALA A 270 14.09 -10.49 29.05
C ALA A 270 13.67 -9.50 27.98
N THR A 271 12.49 -9.73 27.43
CA THR A 271 11.97 -8.86 26.38
C THR A 271 11.80 -7.43 26.89
N GLN A 272 11.20 -7.28 28.07
CA GLN A 272 10.97 -5.94 28.60
C GLN A 272 12.29 -5.20 28.83
N ARG A 273 13.28 -5.90 29.38
CA ARG A 273 14.58 -5.30 29.62
C ARG A 273 15.27 -4.94 28.31
N ALA A 274 15.21 -5.82 27.32
CA ALA A 274 15.85 -5.55 26.03
C ALA A 274 15.25 -4.31 25.38
N LEU A 275 13.92 -4.19 25.44
CA LEU A 275 13.22 -3.02 24.90
C LEU A 275 13.67 -1.73 25.58
N THR A 276 13.80 -1.78 26.90
CA THR A 276 14.25 -0.61 27.63
C THR A 276 15.65 -0.23 27.20
N GLU A 277 16.52 -1.22 27.04
CA GLU A 277 17.88 -0.94 26.65
C GLU A 277 18.01 -0.37 25.25
N ALA A 278 17.22 -0.88 24.30
CA ALA A 278 17.28 -0.37 22.94
C ALA A 278 16.87 1.11 22.93
N ARG A 279 15.85 1.44 23.71
CA ARG A 279 15.38 2.81 23.83
C ARG A 279 16.46 3.71 24.42
N GLU A 280 17.19 3.20 25.41
CA GLU A 280 18.24 4.00 26.07
C GLU A 280 19.48 4.14 25.18
N GLN A 281 19.74 3.18 24.33
CA GLN A 281 20.91 3.22 23.46
C GLN A 281 20.54 3.76 22.08
N ASN A 282 19.30 4.21 21.95
CA ASN A 282 18.85 4.85 20.72
C ASN A 282 19.07 3.96 19.49
N VAL A 283 18.79 2.67 19.66
CA VAL A 283 18.86 1.73 18.55
C VAL A 283 17.62 1.90 17.69
N THR A 284 17.81 2.24 16.42
CA THR A 284 16.69 2.49 15.53
C THR A 284 16.84 1.78 14.19
N GLY A 285 15.81 1.90 13.36
CA GLY A 285 15.82 1.34 12.03
C GLY A 285 16.03 -0.16 11.98
N ASN A 286 16.75 -0.61 10.97
CA ASN A 286 16.91 -2.04 10.74
C ASN A 286 17.81 -2.70 11.77
N ALA A 287 18.41 -1.91 12.64
CA ALA A 287 19.25 -2.48 13.70
C ALA A 287 18.41 -2.94 14.91
N GLU A 288 17.16 -2.50 14.99
CA GLU A 288 16.40 -2.72 16.23
C GLU A 288 16.04 -4.20 16.47
N THR A 289 15.46 -4.88 15.50
CA THR A 289 15.10 -6.29 15.68
C THR A 289 16.30 -7.20 15.98
N PRO A 290 17.39 -7.07 15.19
CA PRO A 290 18.57 -7.90 15.47
C PRO A 290 19.15 -7.60 16.86
N PHE A 291 19.13 -6.33 17.29
CA PHE A 291 19.58 -6.02 18.64
C PHE A 291 18.75 -6.71 19.72
N LEU A 292 17.44 -6.59 19.58
CA LEU A 292 16.51 -7.13 20.59
C LEU A 292 16.61 -8.64 20.71
N LEU A 293 16.68 -9.32 19.57
CA LEU A 293 16.74 -10.79 19.59
C LEU A 293 18.06 -11.26 20.17
N ALA A 294 19.16 -10.61 19.81
CA ALA A 294 20.46 -10.96 20.37
C ALA A 294 20.48 -10.70 21.87
N ARG A 295 19.90 -9.60 22.29
CA ARG A 295 19.87 -9.24 23.71
C ARG A 295 18.96 -10.17 24.52
N VAL A 296 17.81 -10.54 23.96
CA VAL A 296 16.93 -11.48 24.63
C VAL A 296 17.66 -12.80 24.80
N ASN A 297 18.45 -13.17 23.80
CA ASN A 297 19.19 -14.42 23.88
C ASN A 297 20.24 -14.39 24.98
N GLU A 298 20.92 -13.26 25.09
CA GLU A 298 21.87 -13.03 26.18
C GLU A 298 21.18 -13.15 27.53
N LEU A 299 20.07 -12.43 27.67
CA LEU A 299 19.36 -12.35 28.94
C LEU A 299 18.71 -13.68 29.34
N THR A 300 18.45 -14.55 28.37
CA THR A 300 17.83 -15.85 28.69
C THR A 300 18.84 -16.99 28.64
N GLY A 301 20.13 -16.64 28.54
CA GLY A 301 21.20 -17.63 28.59
C GLY A 301 21.13 -18.66 27.48
N GLY A 302 20.63 -18.26 26.32
CA GLY A 302 20.61 -19.16 25.19
C GLY A 302 19.24 -19.80 24.95
N THR A 303 18.33 -19.63 25.90
CA THR A 303 17.02 -20.28 25.83
C THR A 303 16.22 -19.81 24.60
N SER A 304 16.28 -18.51 24.33
CA SER A 304 15.47 -17.96 23.23
C SER A 304 16.01 -18.39 21.87
N LEU A 305 17.33 -18.42 21.70
CA LEU A 305 17.89 -18.91 20.44
C LEU A 305 17.54 -20.39 20.20
N ALA A 306 17.58 -21.17 21.28
CA ALA A 306 17.19 -22.58 21.19
C ALA A 306 15.75 -22.72 20.71
N ALA A 307 14.87 -21.89 21.25
CA ALA A 307 13.47 -21.90 20.84
C ALA A 307 13.35 -21.45 19.38
N ASN A 308 14.14 -20.46 19.01
CA ASN A 308 14.17 -19.94 17.64
C ASN A 308 14.56 -21.05 16.65
N ILE A 309 15.57 -21.84 16.99
CA ILE A 309 15.97 -22.95 16.14
C ILE A 309 14.88 -24.01 16.07
N ALA A 310 14.23 -24.28 17.22
CA ALA A 310 13.18 -25.30 17.26
C ALA A 310 12.02 -24.91 16.37
N LEU A 311 11.60 -23.65 16.42
CA LEU A 311 10.44 -23.24 15.61
C LEU A 311 10.78 -23.20 14.13
N VAL A 312 12.00 -22.81 13.77
CA VAL A 312 12.41 -22.83 12.36
C VAL A 312 12.39 -24.27 11.84
N LYS A 313 12.89 -25.20 12.65
CA LYS A 313 12.86 -26.59 12.24
C LYS A 313 11.44 -27.14 12.11
N ASN A 314 10.57 -26.72 13.02
CA ASN A 314 9.17 -27.13 12.95
C ASN A 314 8.50 -26.53 11.72
N ASN A 315 8.80 -25.26 11.46
CA ASN A 315 8.24 -24.58 10.28
C ASN A 315 8.70 -25.24 8.98
N ALA A 316 9.97 -25.66 8.93
CA ALA A 316 10.48 -26.34 7.75
C ALA A 316 9.76 -27.68 7.54
N LEU A 317 9.47 -28.39 8.62
CA LEU A 317 8.71 -29.64 8.51
C LEU A 317 7.32 -29.43 7.92
N ILE A 318 6.56 -28.52 8.52
CA ILE A 318 5.18 -28.29 8.11
C ILE A 318 5.15 -27.62 6.75
N GLY A 319 6.05 -26.65 6.56
CA GLY A 319 6.17 -25.98 5.28
C GLY A 319 6.43 -26.93 4.12
N SER A 320 7.27 -27.92 4.36
CA SER A 320 7.60 -28.91 3.33
C SER A 320 6.39 -29.77 3.01
N GLN A 321 5.67 -30.17 4.06
CA GLN A 321 4.48 -30.96 3.87
C GLN A 321 3.45 -30.16 3.09
N ILE A 322 3.34 -28.86 3.38
CA ILE A 322 2.42 -28.03 2.61
C ILE A 322 2.85 -27.95 1.15
N ALA A 323 4.14 -27.72 0.91
CA ALA A 323 4.63 -27.59 -0.45
C ALA A 323 4.40 -28.89 -1.25
N VAL A 324 4.60 -30.04 -0.58
CA VAL A 324 4.35 -31.33 -1.22
C VAL A 324 2.86 -31.51 -1.56
N ALA A 325 1.97 -31.21 -0.60
CA ALA A 325 0.53 -31.28 -0.81
C ALA A 325 0.11 -30.36 -1.95
N LEU A 326 0.72 -29.19 -2.02
CA LEU A 326 0.42 -28.24 -3.08
C LEU A 326 0.84 -28.81 -4.44
N SER A 327 2.04 -29.38 -4.49
CA SER A 327 2.55 -29.98 -5.73
C SER A 327 1.60 -31.07 -6.24
N GLN A 328 1.05 -31.85 -5.32
CA GLN A 328 0.13 -32.93 -5.67
C GLN A 328 -1.22 -32.40 -6.16
N LEU A 329 -1.72 -31.32 -5.54
CA LEU A 329 -2.92 -30.67 -6.03
C LEU A 329 -2.74 -30.18 -7.47
N MET A 330 -1.58 -29.59 -7.76
CA MET A 330 -1.34 -28.99 -9.06
C MET A 330 -1.05 -30.04 -10.14
N ARG B 27 -13.52 -18.15 -15.10
CA ARG B 27 -13.14 -19.28 -15.96
C ARG B 27 -13.84 -20.56 -15.57
N SER B 28 -13.04 -21.51 -15.09
CA SER B 28 -13.57 -22.78 -14.60
C SER B 28 -13.97 -22.64 -13.14
N LEU B 29 -13.45 -21.62 -12.44
CA LEU B 29 -13.82 -21.45 -11.04
C LEU B 29 -14.90 -20.38 -10.80
N VAL B 30 -14.90 -19.29 -11.58
CA VAL B 30 -15.94 -18.27 -11.36
C VAL B 30 -17.18 -18.50 -12.24
N LYS B 31 -18.35 -18.49 -11.60
CA LYS B 31 -19.62 -18.65 -12.28
C LYS B 31 -20.25 -17.30 -12.53
N ILE B 32 -20.38 -16.94 -13.80
CA ILE B 32 -21.00 -15.70 -14.20
C ILE B 32 -22.41 -16.02 -14.70
N SER B 33 -23.40 -15.29 -14.17
CA SER B 33 -24.79 -15.54 -14.54
C SER B 33 -24.97 -15.21 -16.02
N PRO B 34 -25.91 -15.90 -16.68
CA PRO B 34 -26.10 -15.67 -18.12
C PRO B 34 -26.28 -14.22 -18.51
N GLN B 35 -27.12 -13.48 -17.77
CA GLN B 35 -27.37 -12.08 -18.11
C GLN B 35 -26.14 -11.19 -17.94
N VAL B 36 -25.37 -11.46 -16.89
CA VAL B 36 -24.15 -10.69 -16.69
C VAL B 36 -23.13 -11.08 -17.75
N SER B 37 -23.04 -12.37 -18.05
CA SER B 37 -22.10 -12.87 -19.07
C SER B 37 -22.40 -12.21 -20.41
N GLU B 38 -23.68 -12.16 -20.77
CA GLU B 38 -24.04 -11.56 -22.04
C GLU B 38 -23.73 -10.07 -22.02
N ALA B 39 -24.06 -9.41 -20.91
CA ALA B 39 -23.79 -7.98 -20.79
C ALA B 39 -22.30 -7.65 -20.95
N LEU B 40 -21.43 -8.45 -20.31
CA LEU B 40 -20.01 -8.18 -20.39
C LEU B 40 -19.49 -8.36 -21.82
N SER B 41 -19.97 -9.41 -22.49
CA SER B 41 -19.55 -9.70 -23.87
C SER B 41 -19.97 -8.60 -24.83
N ASN B 42 -21.09 -7.95 -24.53
CA ASN B 42 -21.63 -6.95 -25.44
C ASN B 42 -21.35 -5.51 -25.03
N GLY B 43 -20.58 -5.34 -23.96
CA GLY B 43 -20.28 -4.01 -23.50
C GLY B 43 -21.45 -3.26 -22.87
N ARG B 44 -22.43 -3.99 -22.36
CA ARG B 44 -23.59 -3.35 -21.73
C ARG B 44 -23.23 -2.81 -20.34
N ALA B 45 -24.03 -1.88 -19.85
CA ALA B 45 -23.78 -1.33 -18.54
C ALA B 45 -23.99 -2.42 -17.51
N VAL B 46 -23.03 -2.62 -16.60
CA VAL B 46 -23.17 -3.57 -15.49
C VAL B 46 -22.83 -2.86 -14.17
N VAL B 47 -23.63 -3.13 -13.13
CA VAL B 47 -23.39 -2.58 -11.81
C VAL B 47 -23.14 -3.74 -10.83
N ALA B 48 -21.94 -3.81 -10.27
CA ALA B 48 -21.67 -4.84 -9.27
C ALA B 48 -22.34 -4.43 -7.97
N LEU B 49 -22.76 -5.43 -7.18
CA LEU B 49 -23.36 -5.23 -5.88
C LEU B 49 -22.73 -6.22 -4.91
N GLU B 50 -22.55 -5.83 -3.67
CA GLU B 50 -21.95 -6.73 -2.69
C GLU B 50 -23.04 -7.55 -2.00
N SER B 51 -22.64 -8.51 -1.21
CA SER B 51 -23.64 -9.35 -0.57
C SER B 51 -23.58 -9.28 0.96
N THR B 52 -22.61 -8.61 1.57
CA THR B 52 -22.63 -8.55 3.05
C THR B 52 -23.77 -7.68 3.58
N ILE B 53 -24.25 -6.74 2.77
CA ILE B 53 -25.35 -5.91 3.24
C ILE B 53 -26.56 -6.83 3.42
N ILE B 54 -26.69 -7.82 2.54
CA ILE B 54 -27.75 -8.84 2.66
C ILE B 54 -27.58 -9.73 3.88
N SER B 55 -26.39 -10.30 4.05
CA SER B 55 -26.18 -11.29 5.08
C SER B 55 -25.95 -10.69 6.48
N HIS B 56 -25.26 -9.56 6.56
CA HIS B 56 -24.86 -9.00 7.87
C HIS B 56 -25.25 -7.56 8.12
N GLY B 57 -25.71 -6.89 7.08
CA GLY B 57 -25.93 -5.46 7.11
C GLY B 57 -27.34 -5.02 7.46
N MET B 58 -28.30 -5.92 7.25
CA MET B 58 -29.70 -5.61 7.50
C MET B 58 -30.44 -6.86 7.94
N PRO B 59 -31.54 -6.69 8.68
CA PRO B 59 -32.38 -7.75 9.24
C PRO B 59 -33.12 -8.48 8.12
N TYR B 60 -33.55 -9.72 8.35
CA TYR B 60 -34.10 -10.60 7.32
C TYR B 60 -35.31 -10.19 6.48
N PRO B 61 -36.20 -9.36 7.00
CA PRO B 61 -37.06 -9.16 5.85
C PRO B 61 -36.50 -8.05 4.95
N GLN B 62 -36.09 -6.95 5.55
CA GLN B 62 -35.56 -5.83 4.79
C GLN B 62 -34.31 -6.15 3.95
N ASN B 63 -33.45 -7.08 4.40
CA ASN B 63 -32.24 -7.38 3.64
C ASN B 63 -32.56 -7.93 2.24
N LEU B 64 -33.44 -8.91 2.19
CA LEU B 64 -33.85 -9.50 0.92
C LEU B 64 -34.69 -8.52 0.09
N GLN B 65 -35.61 -7.82 0.76
CA GLN B 65 -36.51 -6.91 0.05
C GLN B 65 -35.71 -5.82 -0.59
N THR B 66 -34.74 -5.29 0.15
CA THR B 66 -33.92 -4.21 -0.35
C THR B 66 -33.07 -4.69 -1.50
N ALA B 67 -32.50 -5.91 -1.39
CA ALA B 67 -31.65 -6.44 -2.47
C ALA B 67 -32.45 -6.57 -3.76
N LYS B 68 -33.68 -7.08 -3.65
CA LYS B 68 -34.55 -7.21 -4.82
C LYS B 68 -34.91 -5.82 -5.39
N GLU B 69 -35.17 -4.86 -4.52
CA GLU B 69 -35.53 -3.50 -4.98
C GLU B 69 -34.34 -2.82 -5.63
N VAL B 70 -33.14 -3.04 -5.09
CA VAL B 70 -31.94 -2.47 -5.70
C VAL B 70 -31.69 -3.08 -7.08
N GLU B 71 -31.80 -4.39 -7.20
CA GLU B 71 -31.58 -5.00 -8.51
C GLU B 71 -32.62 -4.49 -9.50
N SER B 72 -33.85 -4.27 -9.03
CA SER B 72 -34.87 -3.75 -9.93
C SER B 72 -34.59 -2.32 -10.40
N ILE B 73 -34.10 -1.48 -9.49
CA ILE B 73 -33.75 -0.11 -9.83
C ILE B 73 -32.62 -0.11 -10.86
N VAL B 74 -31.64 -0.99 -10.67
CA VAL B 74 -30.56 -1.11 -11.63
C VAL B 74 -31.11 -1.43 -13.04
N ARG B 75 -31.98 -2.44 -13.12
CA ARG B 75 -32.55 -2.85 -14.40
C ARG B 75 -33.45 -1.77 -15.01
N GLU B 76 -34.22 -1.10 -14.18
CA GLU B 76 -35.15 -0.09 -14.67
C GLU B 76 -34.41 1.09 -15.27
N ASN B 77 -33.16 1.26 -14.86
CA ASN B 77 -32.37 2.38 -15.38
C ASN B 77 -31.35 1.97 -16.43
N GLY B 78 -31.52 0.77 -16.97
CA GLY B 78 -30.81 0.37 -18.16
C GLY B 78 -29.52 -0.39 -17.99
N ALA B 79 -29.25 -0.81 -16.75
CA ALA B 79 -28.03 -1.56 -16.45
C ALA B 79 -28.37 -2.97 -15.95
N ILE B 80 -27.38 -3.84 -15.90
CA ILE B 80 -27.57 -5.21 -15.40
C ILE B 80 -26.97 -5.36 -14.01
N PRO B 81 -27.75 -5.78 -13.00
CA PRO B 81 -27.16 -5.92 -11.66
C PRO B 81 -26.37 -7.22 -11.53
N ALA B 82 -25.20 -7.12 -10.90
CA ALA B 82 -24.32 -8.27 -10.72
C ALA B 82 -24.00 -8.42 -9.23
N THR B 83 -24.91 -9.04 -8.49
CA THR B 83 -24.65 -9.31 -7.08
C THR B 83 -23.60 -10.41 -7.00
N ILE B 84 -22.58 -10.20 -6.20
CA ILE B 84 -21.46 -11.10 -6.08
C ILE B 84 -21.46 -11.77 -4.71
N ALA B 85 -21.24 -13.09 -4.69
CA ALA B 85 -21.17 -13.86 -3.44
C ALA B 85 -20.43 -15.15 -3.74
N ILE B 86 -20.09 -15.90 -2.69
CA ILE B 86 -19.49 -17.22 -2.86
C ILE B 86 -20.50 -18.22 -2.31
N LEU B 87 -20.89 -19.18 -3.14
CA LEU B 87 -21.89 -20.17 -2.71
C LEU B 87 -21.29 -21.58 -2.84
N ASN B 88 -21.21 -22.31 -1.74
CA ASN B 88 -20.58 -23.63 -1.72
C ASN B 88 -19.21 -23.64 -2.38
N GLY B 89 -18.38 -22.64 -2.08
CA GLY B 89 -17.04 -22.52 -2.63
C GLY B 89 -16.94 -21.97 -4.04
N VAL B 90 -18.07 -21.63 -4.64
CA VAL B 90 -18.08 -21.13 -6.02
C VAL B 90 -18.33 -19.64 -6.05
N PRO B 91 -17.35 -18.86 -6.51
CA PRO B 91 -17.59 -17.43 -6.69
C PRO B 91 -18.65 -17.20 -7.73
N CYS B 92 -19.71 -16.47 -7.38
CA CYS B 92 -20.81 -16.19 -8.31
C CYS B 92 -20.88 -14.71 -8.62
N ILE B 93 -20.83 -14.38 -9.90
CA ILE B 93 -20.99 -13.00 -10.32
C ILE B 93 -22.32 -12.89 -11.05
N GLY B 94 -23.29 -12.32 -10.35
CA GLY B 94 -24.69 -12.31 -10.74
C GLY B 94 -25.36 -13.49 -10.05
N LEU B 95 -26.42 -13.19 -9.32
CA LEU B 95 -27.19 -14.21 -8.59
C LEU B 95 -28.61 -14.28 -9.12
N SER B 96 -29.16 -15.49 -9.16
CA SER B 96 -30.58 -15.65 -9.47
C SER B 96 -31.43 -15.21 -8.27
N GLU B 97 -32.72 -15.03 -8.50
CA GLU B 97 -33.63 -14.69 -7.41
C GLU B 97 -33.58 -15.79 -6.34
N GLU B 98 -33.50 -17.05 -6.76
CA GLU B 98 -33.38 -18.13 -5.79
C GLU B 98 -32.12 -18.05 -4.93
N GLU B 99 -30.99 -17.70 -5.56
CA GLU B 99 -29.75 -17.61 -4.83
C GLU B 99 -29.80 -16.45 -3.86
N LEU B 100 -30.41 -15.36 -4.29
CA LEU B 100 -30.58 -14.19 -3.45
C LEU B 100 -31.41 -14.59 -2.23
N GLU B 101 -32.46 -15.37 -2.49
CA GLU B 101 -33.33 -15.87 -1.42
C GLU B 101 -32.55 -16.79 -0.48
N ARG B 102 -31.79 -17.71 -1.06
CA ARG B 102 -30.99 -18.65 -0.27
C ARG B 102 -30.03 -17.91 0.63
N LEU B 103 -29.35 -16.91 0.06
CA LEU B 103 -28.39 -16.11 0.81
C LEU B 103 -28.99 -15.27 1.96
N ALA B 104 -30.13 -14.61 1.69
CA ALA B 104 -30.74 -13.74 2.69
C ALA B 104 -31.14 -14.52 3.94
N SER B 105 -31.57 -15.75 3.75
CA SER B 105 -32.05 -16.55 4.87
C SER B 105 -30.91 -17.21 5.65
N LEU B 106 -29.83 -17.58 4.96
CA LEU B 106 -28.71 -18.20 5.65
C LEU B 106 -28.23 -17.22 6.67
N GLY B 107 -28.49 -15.94 6.40
CA GLY B 107 -28.15 -14.87 7.31
C GLY B 107 -26.68 -14.86 7.67
N LYS B 108 -26.41 -14.68 8.97
CA LYS B 108 -25.05 -14.57 9.45
C LYS B 108 -24.34 -15.92 9.52
N SER B 109 -24.97 -16.99 9.06
CA SER B 109 -24.23 -18.25 9.03
C SER B 109 -23.24 -18.22 7.87
N VAL B 110 -23.43 -17.28 6.94
CA VAL B 110 -22.46 -17.10 5.84
C VAL B 110 -21.25 -16.35 6.37
N GLN B 111 -20.07 -16.70 5.85
CA GLN B 111 -18.84 -16.03 6.28
C GLN B 111 -18.81 -14.60 5.73
N LYS B 112 -18.59 -13.61 6.59
CA LYS B 112 -18.36 -12.28 6.11
C LYS B 112 -17.00 -12.29 5.44
N THR B 113 -16.98 -12.09 4.13
CA THR B 113 -15.78 -12.40 3.36
C THR B 113 -15.12 -11.17 2.80
N ALA B 114 -14.00 -10.75 3.41
CA ALA B 114 -13.14 -9.70 2.85
C ALA B 114 -12.29 -10.31 1.74
N GLY B 115 -11.60 -9.47 0.99
CA GLY B 115 -10.76 -9.94 -0.11
C GLY B 115 -9.79 -11.02 0.39
N ARG B 116 -9.22 -10.81 1.57
CA ARG B 116 -8.23 -11.74 2.13
C ARG B 116 -8.82 -13.09 2.58
N ASP B 117 -10.14 -13.17 2.64
CA ASP B 117 -10.82 -14.39 3.03
C ASP B 117 -11.28 -15.23 1.83
N ILE B 118 -11.22 -14.66 0.63
CA ILE B 118 -11.81 -15.36 -0.52
C ILE B 118 -11.22 -16.76 -0.71
N ALA B 119 -9.91 -16.86 -0.75
CA ALA B 119 -9.25 -18.14 -1.01
C ALA B 119 -9.69 -19.17 0.01
N ASN B 120 -9.82 -18.77 1.26
CA ASN B 120 -10.20 -19.71 2.32
C ASN B 120 -11.64 -20.22 2.12
N VAL B 121 -12.54 -19.32 1.80
CA VAL B 121 -13.94 -19.70 1.63
C VAL B 121 -14.07 -20.65 0.44
N VAL B 122 -13.36 -20.34 -0.63
CA VAL B 122 -13.33 -21.22 -1.80
C VAL B 122 -12.78 -22.60 -1.41
N ALA B 123 -11.64 -22.60 -0.72
CA ALA B 123 -10.97 -23.87 -0.39
C ALA B 123 -11.80 -24.75 0.53
N THR B 124 -12.57 -24.15 1.43
CA THR B 124 -13.37 -24.92 2.38
C THR B 124 -14.77 -25.18 1.82
N ARG B 125 -15.01 -24.72 0.60
CA ARG B 125 -16.31 -24.90 -0.05
C ARG B 125 -17.44 -24.26 0.75
N GLY B 126 -17.15 -23.12 1.37
CA GLY B 126 -18.13 -22.46 2.20
C GLY B 126 -18.97 -21.45 1.46
N ASN B 127 -19.93 -20.87 2.18
CA ASN B 127 -20.70 -19.76 1.67
C ASN B 127 -20.08 -18.48 2.22
N GLY B 128 -19.94 -17.48 1.36
CA GLY B 128 -19.34 -16.22 1.79
C GLY B 128 -20.12 -15.04 1.22
N ALA B 129 -20.42 -14.07 2.07
CA ALA B 129 -20.98 -12.79 1.63
C ALA B 129 -19.82 -11.80 1.47
N THR B 130 -19.62 -11.28 0.26
CA THR B 130 -18.42 -10.51 -0.02
C THR B 130 -18.55 -9.05 0.40
N THR B 131 -17.53 -8.57 1.09
CA THR B 131 -17.48 -7.17 1.51
C THR B 131 -17.09 -6.30 0.34
N VAL B 132 -16.92 -5.00 0.56
CA VAL B 132 -16.44 -4.12 -0.52
C VAL B 132 -15.09 -4.58 -1.10
N SER B 133 -14.12 -4.93 -0.25
CA SER B 133 -12.81 -5.33 -0.76
C SER B 133 -12.88 -6.61 -1.59
N ALA B 134 -13.72 -7.55 -1.20
CA ALA B 134 -13.84 -8.83 -1.96
C ALA B 134 -14.62 -8.63 -3.26
N THR B 135 -15.67 -7.82 -3.17
CA THR B 135 -16.54 -7.60 -4.34
C THR B 135 -15.78 -6.82 -5.41
N LEU B 136 -15.00 -5.83 -4.97
CA LEU B 136 -14.10 -5.08 -5.85
C LEU B 136 -13.21 -6.02 -6.64
N PHE B 137 -12.63 -6.98 -5.94
CA PHE B 137 -11.70 -7.93 -6.58
C PHE B 137 -12.40 -8.71 -7.69
N PHE B 138 -13.54 -9.31 -7.39
CA PHE B 138 -14.26 -10.06 -8.42
C PHE B 138 -14.84 -9.18 -9.55
N ALA B 139 -15.38 -8.01 -9.21
CA ALA B 139 -15.94 -7.14 -10.25
C ALA B 139 -14.83 -6.73 -11.22
N SER B 140 -13.68 -6.36 -10.66
CA SER B 140 -12.56 -5.90 -11.52
C SER B 140 -12.02 -7.05 -12.37
N MET B 141 -12.03 -8.25 -11.80
CA MET B 141 -11.57 -9.45 -12.50
C MET B 141 -12.32 -9.66 -13.83
N VAL B 142 -13.60 -9.37 -13.86
CA VAL B 142 -14.39 -9.67 -15.04
C VAL B 142 -14.71 -8.42 -15.86
N GLY B 143 -14.15 -7.29 -15.45
CA GLY B 143 -14.30 -6.08 -16.24
C GLY B 143 -15.50 -5.20 -15.92
N ILE B 144 -16.07 -5.36 -14.73
CA ILE B 144 -17.13 -4.45 -14.30
C ILE B 144 -16.50 -3.17 -13.78
N GLN B 145 -17.01 -2.01 -14.20
CA GLN B 145 -16.37 -0.74 -13.89
C GLN B 145 -17.07 0.03 -12.79
N VAL B 146 -18.29 -0.36 -12.45
CA VAL B 146 -19.11 0.39 -11.50
C VAL B 146 -19.66 -0.59 -10.44
N PHE B 147 -19.44 -0.24 -9.18
CA PHE B 147 -19.81 -1.08 -8.04
C PHE B 147 -20.60 -0.20 -7.04
N VAL B 148 -21.86 -0.53 -6.85
CA VAL B 148 -22.72 0.22 -5.94
C VAL B 148 -22.75 -0.45 -4.58
N THR B 149 -22.51 0.35 -3.53
CA THR B 149 -22.57 -0.14 -2.17
C THR B 149 -23.38 0.85 -1.32
N GLY B 150 -23.48 0.60 -0.03
CA GLY B 150 -24.10 1.56 0.87
C GLY B 150 -23.06 2.53 1.37
N GLY B 151 -22.19 2.04 2.25
CA GLY B 151 -21.09 2.82 2.79
C GLY B 151 -19.85 1.98 2.56
N ILE B 152 -18.69 2.63 2.60
CA ILE B 152 -17.42 1.91 2.51
C ILE B 152 -16.83 1.80 3.93
N GLY B 153 -16.08 0.73 4.20
CA GLY B 153 -15.35 0.60 5.46
C GLY B 153 -14.29 1.71 5.52
N GLY B 154 -13.72 1.97 6.69
CA GLY B 154 -12.79 3.09 6.75
C GLY B 154 -11.82 2.95 7.92
N VAL B 155 -11.27 4.09 8.33
CA VAL B 155 -10.42 4.15 9.52
C VAL B 155 -11.31 4.18 10.75
N HIS B 156 -11.14 3.19 11.64
CA HIS B 156 -12.02 3.11 12.81
C HIS B 156 -11.64 4.16 13.82
N ARG B 157 -12.57 4.50 14.69
CA ARG B 157 -12.28 5.46 15.75
C ARG B 157 -11.22 4.83 16.64
N HIS B 158 -10.30 5.67 17.12
CA HIS B 158 -9.20 5.24 17.98
C HIS B 158 -8.18 4.37 17.25
N ALA B 159 -8.09 4.52 15.93
CA ALA B 159 -7.14 3.71 15.16
C ALA B 159 -5.69 4.00 15.56
N ASN B 160 -5.48 5.11 16.27
CA ASN B 160 -4.15 5.43 16.76
C ASN B 160 -3.70 4.45 17.84
N HIS B 161 -4.64 3.80 18.51
CA HIS B 161 -4.26 2.77 19.47
C HIS B 161 -4.45 1.37 18.89
N SER B 162 -5.22 1.25 17.82
CA SER B 162 -5.56 -0.08 17.29
C SER B 162 -4.98 -0.38 15.92
N MET B 163 -4.81 0.65 15.09
CA MET B 163 -4.52 0.46 13.68
C MET B 163 -5.62 -0.30 12.97
N ASP B 164 -6.84 -0.24 13.49
CA ASP B 164 -7.97 -0.92 12.85
C ASP B 164 -8.48 -0.09 11.67
N ILE B 165 -8.12 -0.54 10.47
CA ILE B 165 -8.41 0.16 9.22
C ILE B 165 -8.89 -0.83 8.16
N SER B 166 -10.03 -0.54 7.55
CA SER B 166 -10.65 -1.46 6.61
C SER B 166 -9.80 -1.72 5.38
N SER B 167 -9.70 -2.99 4.99
CA SER B 167 -9.00 -3.32 3.74
C SER B 167 -9.75 -2.77 2.53
N ASP B 168 -10.97 -2.27 2.72
CA ASP B 168 -11.66 -1.61 1.60
C ASP B 168 -10.80 -0.51 0.99
N LEU B 169 -10.08 0.22 1.85
CA LEU B 169 -9.35 1.40 1.41
C LEU B 169 -8.14 1.00 0.59
N THR B 170 -7.40 0.00 1.07
CA THR B 170 -6.23 -0.48 0.35
C THR B 170 -6.68 -1.16 -0.94
N ALA B 171 -7.79 -1.90 -0.90
CA ALA B 171 -8.31 -2.54 -2.11
C ALA B 171 -8.63 -1.49 -3.20
N LEU B 172 -9.33 -0.42 -2.81
CA LEU B 172 -9.72 0.59 -3.79
C LEU B 172 -8.49 1.33 -4.32
N GLY B 173 -7.49 1.50 -3.46
CA GLY B 173 -6.24 2.13 -3.86
C GLY B 173 -5.45 1.34 -4.90
N ARG B 174 -5.77 0.08 -5.08
CA ARG B 174 -5.06 -0.67 -6.11
C ARG B 174 -5.98 -1.42 -7.02
N THR B 175 -7.22 -1.00 -7.07
CA THR B 175 -8.15 -1.62 -8.01
C THR B 175 -8.84 -0.57 -8.85
N PRO B 176 -8.69 -0.64 -10.18
CA PRO B 176 -9.29 0.44 -10.99
C PRO B 176 -10.77 0.23 -11.25
N ILE B 177 -11.59 0.67 -10.30
CA ILE B 177 -13.03 0.51 -10.36
C ILE B 177 -13.65 1.70 -9.63
N ALA B 178 -14.87 2.08 -10.02
CA ALA B 178 -15.56 3.15 -9.33
C ALA B 178 -16.54 2.55 -8.32
N VAL B 179 -16.40 2.99 -7.08
CA VAL B 179 -17.31 2.59 -6.02
C VAL B 179 -18.28 3.74 -5.77
N ILE B 180 -19.57 3.42 -5.81
CA ILE B 180 -20.63 4.40 -5.57
C ILE B 180 -21.20 4.20 -4.17
N SER B 181 -20.94 5.15 -3.29
CA SER B 181 -21.35 5.01 -1.90
C SER B 181 -22.11 6.26 -1.49
N ALA B 182 -22.65 6.23 -0.27
CA ALA B 182 -23.25 7.40 0.33
C ALA B 182 -22.26 7.98 1.32
N GLY B 183 -20.97 7.79 1.07
CA GLY B 183 -19.95 8.34 1.94
C GLY B 183 -19.46 7.32 2.94
N VAL B 184 -19.10 7.80 4.13
CA VAL B 184 -18.58 6.96 5.21
C VAL B 184 -19.42 7.19 6.48
N ALA B 185 -19.86 6.12 7.16
CA ALA B 185 -20.66 6.27 8.37
C ALA B 185 -19.84 6.88 9.52
N SER B 186 -20.48 7.67 10.38
CA SER B 186 -19.78 8.28 11.50
C SER B 186 -19.41 7.28 12.59
N ILE B 187 -19.80 6.01 12.44
CA ILE B 187 -19.24 4.99 13.33
C ILE B 187 -17.74 4.92 13.13
N LEU B 188 -17.30 5.34 11.94
CA LEU B 188 -15.88 5.41 11.58
C LEU B 188 -15.34 6.84 11.75
N ASP B 189 -14.04 6.99 11.61
CA ASP B 189 -13.38 8.30 11.68
C ASP B 189 -13.34 8.90 10.30
N ILE B 190 -14.26 9.81 10.00
CA ILE B 190 -14.40 10.25 8.62
C ILE B 190 -13.18 11.06 8.11
N PRO B 191 -12.71 12.03 8.88
CA PRO B 191 -11.54 12.79 8.41
C PRO B 191 -10.32 11.89 8.15
N LYS B 192 -10.05 10.94 9.04
CA LYS B 192 -8.90 10.09 8.84
C LYS B 192 -9.13 9.16 7.65
N THR B 193 -10.37 8.73 7.45
CA THR B 193 -10.65 7.88 6.30
C THR B 193 -10.39 8.67 5.00
N LEU B 194 -10.79 9.94 4.97
CA LEU B 194 -10.53 10.75 3.78
C LEU B 194 -9.04 10.94 3.53
N GLU B 195 -8.27 11.17 4.60
CA GLU B 195 -6.81 11.29 4.48
C GLU B 195 -6.19 9.98 3.95
N TYR B 196 -6.65 8.85 4.48
CA TYR B 196 -6.09 7.55 4.09
C TYR B 196 -6.37 7.30 2.61
N LEU B 197 -7.58 7.62 2.15
CA LEU B 197 -7.93 7.46 0.73
C LEU B 197 -7.03 8.32 -0.16
N GLU B 198 -6.78 9.55 0.25
CA GLU B 198 -5.85 10.41 -0.51
C GLU B 198 -4.45 9.80 -0.60
N THR B 199 -3.92 9.29 0.50
CA THR B 199 -2.61 8.66 0.49
C THR B 199 -2.57 7.45 -0.46
N GLN B 200 -3.69 6.75 -0.56
CA GLN B 200 -3.77 5.56 -1.44
C GLN B 200 -4.02 5.94 -2.90
N GLU B 201 -4.11 7.24 -3.16
CA GLU B 201 -4.39 7.77 -4.50
C GLU B 201 -5.79 7.41 -5.02
N VAL B 202 -6.78 7.35 -4.13
CA VAL B 202 -8.15 7.15 -4.58
C VAL B 202 -8.78 8.51 -4.84
N TYR B 203 -9.27 8.72 -6.05
CA TYR B 203 -9.99 9.95 -6.33
C TYR B 203 -11.34 9.91 -5.60
N VAL B 204 -11.62 10.93 -4.79
CA VAL B 204 -12.87 11.00 -4.02
C VAL B 204 -13.67 12.23 -4.47
N ALA B 205 -14.92 12.03 -4.83
CA ALA B 205 -15.75 13.17 -5.20
C ALA B 205 -17.15 13.04 -4.65
N ALA B 206 -17.65 14.15 -4.11
CA ALA B 206 -19.02 14.23 -3.65
C ALA B 206 -19.92 14.62 -4.83
N TYR B 207 -21.12 14.06 -4.84
CA TYR B 207 -22.06 14.24 -5.93
C TYR B 207 -22.97 15.43 -5.64
N LYS B 208 -22.86 16.46 -6.49
CA LYS B 208 -23.70 17.65 -6.42
C LYS B 208 -23.63 18.32 -5.05
N SER B 209 -22.46 18.30 -4.44
CA SER B 209 -22.27 18.88 -3.12
C SER B 209 -20.81 19.20 -2.78
N ASP B 210 -20.61 20.21 -1.93
CA ASP B 210 -19.29 20.57 -1.43
C ASP B 210 -18.96 19.88 -0.10
N GLU B 211 -19.96 19.21 0.48
CA GLU B 211 -19.76 18.52 1.75
C GLU B 211 -19.69 17.01 1.52
N PHE B 212 -18.68 16.38 2.11
CA PHE B 212 -18.58 14.93 2.00
C PHE B 212 -19.69 14.31 2.87
N PRO B 213 -20.51 13.40 2.31
CA PRO B 213 -21.63 12.84 3.07
C PRO B 213 -21.23 11.78 4.10
N ALA B 214 -22.12 11.52 5.04
CA ALA B 214 -21.84 10.58 6.12
C ALA B 214 -22.88 9.47 6.27
N PHE B 215 -23.19 8.77 5.16
CA PHE B 215 -24.03 7.58 5.21
C PHE B 215 -25.48 7.93 5.59
N PHE B 216 -25.87 7.73 6.85
CA PHE B 216 -27.24 8.05 7.30
C PHE B 216 -27.61 9.51 7.08
N THR B 217 -26.59 10.35 7.18
CA THR B 217 -26.75 11.78 7.11
C THR B 217 -25.82 12.40 6.09
N GLU B 218 -26.25 13.52 5.52
CA GLU B 218 -25.49 14.19 4.45
C GLU B 218 -24.33 14.98 5.04
N LYS B 219 -24.36 15.23 6.34
CA LYS B 219 -23.39 16.16 6.90
C LYS B 219 -22.32 15.45 7.71
N SER B 220 -21.09 15.55 7.23
CA SER B 220 -19.97 14.89 7.89
C SER B 220 -19.15 15.92 8.66
N GLY B 221 -19.26 17.17 8.24
CA GLY B 221 -18.42 18.22 8.79
C GLY B 221 -17.14 18.38 7.99
N CYS B 222 -16.97 17.54 6.98
CA CYS B 222 -15.78 17.60 6.13
C CYS B 222 -16.12 18.07 4.74
N LYS B 223 -15.28 18.96 4.21
CA LYS B 223 -15.38 19.43 2.85
C LYS B 223 -15.10 18.28 1.88
N ALA B 224 -15.81 18.20 0.76
CA ALA B 224 -15.48 17.18 -0.23
C ALA B 224 -14.18 17.54 -0.92
N PRO B 225 -13.26 16.56 -1.11
CA PRO B 225 -12.01 16.93 -1.79
C PRO B 225 -12.20 17.27 -3.25
N SER B 226 -13.28 16.76 -3.84
CA SER B 226 -13.63 17.11 -5.22
C SER B 226 -15.15 16.97 -5.40
N ARG B 227 -15.65 17.45 -6.53
CA ARG B 227 -17.09 17.42 -6.75
C ARG B 227 -17.40 17.04 -8.18
N VAL B 228 -18.47 16.27 -8.38
CA VAL B 228 -18.97 15.94 -9.71
C VAL B 228 -20.47 16.22 -9.71
N ASN B 229 -21.04 16.65 -10.83
CA ASN B 229 -22.41 17.15 -10.81
C ASN B 229 -23.42 16.41 -11.67
N SER B 230 -23.00 15.33 -12.31
CA SER B 230 -23.92 14.56 -13.10
C SER B 230 -23.37 13.16 -13.33
N PRO B 231 -24.25 12.21 -13.68
CA PRO B 231 -23.74 10.86 -13.95
C PRO B 231 -22.81 10.84 -15.14
N GLU B 232 -23.04 11.72 -16.11
CA GLU B 232 -22.18 11.81 -17.28
C GLU B 232 -20.78 12.30 -16.90
N ASP B 233 -20.72 13.26 -15.98
CA ASP B 233 -19.43 13.74 -15.48
C ASP B 233 -18.64 12.61 -14.81
N CYS B 234 -19.33 11.81 -14.00
CA CYS B 234 -18.71 10.66 -13.33
C CYS B 234 -18.17 9.70 -14.37
N ALA B 235 -18.98 9.46 -15.40
CA ALA B 235 -18.61 8.51 -16.44
C ALA B 235 -17.35 8.97 -17.19
N ARG B 236 -17.22 10.28 -17.39
CA ARG B 236 -16.05 10.80 -18.08
C ARG B 236 -14.79 10.63 -17.25
N VAL B 237 -14.89 10.81 -15.93
CA VAL B 237 -13.73 10.53 -15.07
C VAL B 237 -13.34 9.05 -15.12
N ILE B 238 -14.33 8.15 -15.05
CA ILE B 238 -14.01 6.73 -15.10
C ILE B 238 -13.34 6.36 -16.44
N ASP B 239 -13.92 6.89 -17.51
CA ASP B 239 -13.41 6.63 -18.83
C ASP B 239 -11.94 7.10 -18.97
N ALA B 240 -11.63 8.29 -18.45
CA ALA B 240 -10.25 8.78 -18.48
C ALA B 240 -9.35 7.84 -17.66
N ASN B 241 -9.83 7.44 -16.51
CA ASN B 241 -9.06 6.55 -15.66
C ASN B 241 -8.75 5.23 -16.36
N MET B 242 -9.73 4.72 -17.09
CA MET B 242 -9.52 3.48 -17.85
C MET B 242 -8.49 3.70 -18.96
N LYS B 243 -8.62 4.78 -19.72
CA LYS B 243 -7.69 5.03 -20.83
C LYS B 243 -6.26 5.24 -20.35
N LEU B 244 -6.10 5.87 -19.20
CA LEU B 244 -4.78 6.09 -18.63
C LEU B 244 -4.18 4.81 -18.06
N ASN B 245 -5.02 3.80 -17.86
CA ASN B 245 -4.65 2.54 -17.22
C ASN B 245 -4.11 2.73 -15.82
N ARG B 246 -4.64 3.73 -15.10
CA ARG B 246 -4.26 3.89 -13.70
C ARG B 246 -4.76 2.67 -12.91
N GLN B 247 -3.95 2.23 -11.97
CA GLN B 247 -4.27 1.05 -11.17
C GLN B 247 -4.80 1.43 -9.78
N ALA B 248 -5.50 2.56 -9.70
CA ALA B 248 -6.19 3.00 -8.48
C ALA B 248 -7.62 3.32 -8.82
N GLY B 249 -8.52 3.20 -7.84
CA GLY B 249 -9.93 3.38 -8.08
C GLY B 249 -10.48 4.74 -7.70
N ILE B 250 -11.80 4.80 -7.70
CA ILE B 250 -12.55 6.04 -7.50
C ILE B 250 -13.66 5.79 -6.50
N LEU B 251 -13.86 6.77 -5.61
CA LEU B 251 -15.01 6.77 -4.69
C LEU B 251 -15.90 7.95 -5.02
N PHE B 252 -17.09 7.66 -5.52
CA PHE B 252 -18.11 8.68 -5.67
C PHE B 252 -18.99 8.57 -4.44
N ALA B 253 -19.19 9.70 -3.76
CA ALA B 253 -19.98 9.72 -2.54
C ALA B 253 -21.25 10.51 -2.82
N ILE B 254 -22.37 9.79 -2.84
CA ILE B 254 -23.68 10.35 -3.16
C ILE B 254 -24.43 10.70 -1.87
N PRO B 255 -24.63 12.00 -1.57
CA PRO B 255 -25.37 12.29 -0.33
C PRO B 255 -26.76 11.66 -0.33
N ILE B 256 -27.16 11.09 0.80
CA ILE B 256 -28.51 10.57 0.92
C ILE B 256 -29.50 11.71 0.62
N PRO B 257 -30.58 11.42 -0.14
CA PRO B 257 -31.56 12.46 -0.48
C PRO B 257 -32.10 13.14 0.78
N LYS B 258 -32.23 14.47 0.72
CA LYS B 258 -32.57 15.28 1.89
C LYS B 258 -33.82 14.76 2.61
N HIS B 259 -34.83 14.35 1.84
CA HIS B 259 -36.06 13.86 2.46
C HIS B 259 -35.94 12.52 3.16
N HIS B 260 -34.84 11.79 2.91
CA HIS B 260 -34.63 10.52 3.58
C HIS B 260 -33.55 10.54 4.66
N SER B 261 -32.89 11.69 4.82
CA SER B 261 -31.81 11.82 5.78
C SER B 261 -32.24 11.55 7.23
N ALA B 262 -31.38 10.88 7.98
CA ALA B 262 -31.61 10.65 9.41
C ALA B 262 -31.03 11.79 10.25
N ALA B 263 -30.66 12.91 9.62
CA ALA B 263 -30.01 14.02 10.35
C ALA B 263 -30.87 14.53 11.52
N GLY B 264 -32.17 14.47 11.36
CA GLY B 264 -33.09 14.94 12.39
C GLY B 264 -33.29 14.02 13.58
N ASN B 265 -32.78 12.79 13.49
CA ASN B 265 -33.07 11.76 14.49
C ASN B 265 -32.01 11.42 15.55
N LEU B 266 -31.15 12.38 15.88
CA LEU B 266 -30.09 12.13 16.88
C LEU B 266 -29.24 10.93 16.47
N ILE B 267 -28.87 10.84 15.20
CA ILE B 267 -28.04 9.73 14.74
C ILE B 267 -26.68 9.76 15.37
N GLU B 268 -26.09 10.95 15.48
CA GLU B 268 -24.76 11.02 16.07
C GLU B 268 -24.77 10.58 17.55
N SER B 269 -25.78 11.03 18.30
CA SER B 269 -25.93 10.61 19.71
C SER B 269 -26.13 9.11 19.82
N ALA B 270 -27.02 8.57 18.99
CA ALA B 270 -27.29 7.14 19.00
C ALA B 270 -26.03 6.36 18.65
N THR B 271 -25.30 6.85 17.64
CA THR B 271 -24.05 6.21 17.25
C THR B 271 -23.08 6.20 18.41
N GLN B 272 -22.93 7.35 19.06
CA GLN B 272 -22.01 7.45 20.19
C GLN B 272 -22.39 6.52 21.33
N ARG B 273 -23.70 6.46 21.63
CA ARG B 273 -24.16 5.56 22.68
C ARG B 273 -23.88 4.11 22.27
N ALA B 274 -24.16 3.77 21.02
CA ALA B 274 -23.92 2.40 20.56
C ALA B 274 -22.46 2.01 20.67
N LEU B 275 -21.58 2.93 20.28
CA LEU B 275 -20.15 2.69 20.37
C LEU B 275 -19.74 2.40 21.82
N THR B 276 -20.23 3.22 22.75
CA THR B 276 -19.92 3.02 24.15
C THR B 276 -20.43 1.69 24.69
N GLU B 277 -21.66 1.32 24.31
CA GLU B 277 -22.25 0.07 24.78
C GLU B 277 -21.49 -1.13 24.25
N ALA B 278 -21.01 -1.02 23.01
CA ALA B 278 -20.25 -2.12 22.42
C ALA B 278 -18.96 -2.34 23.21
N ARG B 279 -18.29 -1.25 23.60
CA ARG B 279 -17.05 -1.34 24.36
C ARG B 279 -17.29 -2.02 25.71
N GLU B 280 -18.41 -1.68 26.33
CA GLU B 280 -18.74 -2.18 27.65
C GLU B 280 -19.13 -3.66 27.63
N GLN B 281 -19.73 -4.11 26.53
CA GLN B 281 -20.17 -5.50 26.40
C GLN B 281 -19.16 -6.38 25.65
N ASN B 282 -17.99 -5.80 25.36
CA ASN B 282 -16.92 -6.52 24.70
C ASN B 282 -17.35 -7.10 23.34
N VAL B 283 -18.20 -6.39 22.63
CA VAL B 283 -18.55 -6.82 21.28
C VAL B 283 -17.46 -6.35 20.32
N THR B 284 -16.73 -7.29 19.73
CA THR B 284 -15.60 -6.94 18.87
C THR B 284 -15.61 -7.72 17.57
N GLY B 285 -14.64 -7.40 16.71
CA GLY B 285 -14.49 -8.12 15.46
C GLY B 285 -15.73 -8.02 14.59
N ASN B 286 -16.05 -9.14 13.95
CA ASN B 286 -17.12 -9.18 12.97
C ASN B 286 -18.52 -9.02 13.61
N ALA B 287 -18.57 -9.08 14.94
CA ALA B 287 -19.83 -8.91 15.66
C ALA B 287 -20.16 -7.43 15.87
N GLU B 288 -19.16 -6.57 15.73
CA GLU B 288 -19.30 -5.18 16.13
C GLU B 288 -20.24 -4.36 15.24
N THR B 289 -19.97 -4.37 13.94
CA THR B 289 -20.79 -3.57 13.02
C THR B 289 -22.25 -3.99 13.08
N PRO B 290 -22.54 -5.30 13.07
CA PRO B 290 -23.95 -5.73 13.19
C PRO B 290 -24.58 -5.29 14.52
N PHE B 291 -23.82 -5.35 15.61
CA PHE B 291 -24.32 -4.86 16.90
C PHE B 291 -24.65 -3.37 16.85
N LEU B 292 -23.71 -2.58 16.30
CA LEU B 292 -23.85 -1.13 16.21
C LEU B 292 -25.02 -0.76 15.31
N LEU B 293 -25.16 -1.45 14.18
CA LEU B 293 -26.26 -1.15 13.25
C LEU B 293 -27.62 -1.48 13.87
N ALA B 294 -27.70 -2.62 14.56
CA ALA B 294 -28.93 -3.03 15.21
C ALA B 294 -29.28 -2.10 16.36
N ARG B 295 -28.26 -1.74 17.13
CA ARG B 295 -28.46 -0.91 18.31
C ARG B 295 -28.84 0.52 17.92
N VAL B 296 -28.18 1.07 16.90
CA VAL B 296 -28.53 2.41 16.42
C VAL B 296 -29.97 2.39 15.90
N ASN B 297 -30.36 1.30 15.25
CA ASN B 297 -31.72 1.20 14.72
C ASN B 297 -32.73 1.16 15.85
N GLU B 298 -32.42 0.39 16.90
CA GLU B 298 -33.24 0.40 18.11
C GLU B 298 -33.36 1.80 18.67
N LEU B 299 -32.21 2.45 18.83
CA LEU B 299 -32.17 3.75 19.48
C LEU B 299 -32.90 4.83 18.69
N THR B 300 -32.97 4.67 17.37
CA THR B 300 -33.62 5.68 16.54
C THR B 300 -35.02 5.28 16.11
N GLY B 301 -35.53 4.21 16.70
CA GLY B 301 -36.89 3.76 16.42
C GLY B 301 -37.14 3.35 14.98
N GLY B 302 -36.11 2.83 14.31
CA GLY B 302 -36.28 2.32 12.95
C GLY B 302 -35.85 3.29 11.87
N THR B 303 -35.60 4.54 12.26
CA THR B 303 -35.23 5.61 11.35
C THR B 303 -33.88 5.36 10.68
N SER B 304 -32.89 4.83 11.40
CA SER B 304 -31.58 4.68 10.80
C SER B 304 -31.62 3.56 9.73
N LEU B 305 -32.35 2.50 9.99
CA LEU B 305 -32.47 1.44 8.99
C LEU B 305 -33.21 1.96 7.74
N ALA B 306 -34.26 2.74 7.95
CA ALA B 306 -35.00 3.32 6.83
C ALA B 306 -34.07 4.18 5.98
N ALA B 307 -33.22 4.96 6.64
CA ALA B 307 -32.25 5.80 5.91
C ALA B 307 -31.27 4.93 5.13
N ASN B 308 -30.82 3.86 5.75
CA ASN B 308 -29.90 2.93 5.13
C ASN B 308 -30.51 2.34 3.85
N ILE B 309 -31.78 1.99 3.93
CA ILE B 309 -32.47 1.44 2.77
C ILE B 309 -32.61 2.49 1.68
N ALA B 310 -32.93 3.72 2.07
CA ALA B 310 -33.08 4.82 1.16
C ALA B 310 -31.79 5.15 0.44
N LEU B 311 -30.67 5.16 1.18
CA LEU B 311 -29.41 5.57 0.54
C LEU B 311 -28.90 4.47 -0.41
N VAL B 312 -29.11 3.21 -0.08
CA VAL B 312 -28.66 2.16 -1.02
C VAL B 312 -29.48 2.23 -2.31
N LYS B 313 -30.77 2.52 -2.18
CA LYS B 313 -31.60 2.66 -3.40
C LYS B 313 -31.19 3.87 -4.23
N ASN B 314 -30.86 4.97 -3.58
CA ASN B 314 -30.42 6.15 -4.29
C ASN B 314 -29.06 5.88 -4.97
N ASN B 315 -28.17 5.19 -4.29
CA ASN B 315 -26.87 4.84 -4.87
C ASN B 315 -27.05 3.96 -6.09
N ALA B 316 -28.03 3.06 -6.02
CA ALA B 316 -28.32 2.20 -7.15
C ALA B 316 -28.81 3.00 -8.36
N LEU B 317 -29.66 4.00 -8.11
CA LEU B 317 -30.17 4.85 -9.18
C LEU B 317 -29.02 5.61 -9.86
N ILE B 318 -28.20 6.30 -9.07
CA ILE B 318 -27.13 7.11 -9.65
C ILE B 318 -26.03 6.22 -10.26
N GLY B 319 -25.71 5.15 -9.56
CA GLY B 319 -24.74 4.19 -10.04
C GLY B 319 -25.12 3.59 -11.39
N SER B 320 -26.39 3.28 -11.55
CA SER B 320 -26.85 2.72 -12.82
C SER B 320 -26.73 3.74 -13.93
N GLN B 321 -27.07 4.98 -13.61
CA GLN B 321 -26.96 6.06 -14.59
C GLN B 321 -25.51 6.28 -15.01
N ILE B 322 -24.58 6.18 -14.04
CA ILE B 322 -23.17 6.33 -14.35
C ILE B 322 -22.72 5.20 -15.26
N ALA B 323 -23.13 3.98 -14.94
CA ALA B 323 -22.72 2.81 -15.72
C ALA B 323 -23.24 2.89 -17.14
N VAL B 324 -24.47 3.35 -17.29
CA VAL B 324 -25.05 3.50 -18.63
C VAL B 324 -24.30 4.57 -19.44
N ALA B 325 -24.07 5.72 -18.83
CA ALA B 325 -23.33 6.78 -19.51
C ALA B 325 -21.96 6.30 -19.95
N LEU B 326 -21.29 5.53 -19.08
CA LEU B 326 -19.98 4.98 -19.38
C LEU B 326 -20.04 4.00 -20.53
N SER B 327 -21.05 3.14 -20.50
CA SER B 327 -21.24 2.18 -21.58
C SER B 327 -21.38 2.92 -22.91
N GLN B 328 -22.08 4.06 -22.90
CA GLN B 328 -22.29 4.82 -24.12
C GLN B 328 -20.98 5.47 -24.60
N LEU B 329 -20.17 5.95 -23.66
CA LEU B 329 -18.84 6.48 -23.99
C LEU B 329 -17.98 5.45 -24.68
N MET B 330 -18.00 4.23 -24.16
CA MET B 330 -17.15 3.17 -24.66
C MET B 330 -17.67 2.59 -25.99
N SER C 28 -1.40 8.22 -27.87
CA SER C 28 -2.84 8.19 -28.07
C SER C 28 -3.54 9.27 -27.25
N LEU C 29 -3.44 9.19 -25.92
CA LEU C 29 -4.01 10.22 -25.06
C LEU C 29 -2.89 11.14 -24.59
N VAL C 30 -1.69 10.59 -24.49
CA VAL C 30 -0.55 11.37 -24.04
C VAL C 30 0.22 12.00 -25.20
N LYS C 31 0.48 13.29 -25.09
CA LYS C 31 1.24 14.03 -26.10
C LYS C 31 2.72 14.12 -25.67
N ILE C 32 3.60 13.43 -26.39
CA ILE C 32 5.02 13.49 -26.09
C ILE C 32 5.74 14.42 -27.06
N SER C 33 6.50 15.37 -26.54
CA SER C 33 7.20 16.30 -27.43
C SER C 33 8.20 15.55 -28.30
N PRO C 34 8.44 16.05 -29.52
CA PRO C 34 9.37 15.42 -30.48
C PRO C 34 10.74 15.15 -29.88
N GLN C 35 11.27 16.14 -29.17
CA GLN C 35 12.60 16.04 -28.61
C GLN C 35 12.68 14.94 -27.56
N VAL C 36 11.63 14.82 -26.75
CA VAL C 36 11.58 13.77 -25.74
C VAL C 36 11.37 12.42 -26.40
N SER C 37 10.49 12.41 -27.40
CA SER C 37 10.17 11.21 -28.14
C SER C 37 11.43 10.64 -28.80
N GLU C 38 12.21 11.53 -29.40
CA GLU C 38 13.46 11.14 -30.07
C GLU C 38 14.47 10.56 -29.08
N ALA C 39 14.66 11.26 -27.95
CA ALA C 39 15.63 10.79 -26.96
C ALA C 39 15.26 9.42 -26.43
N LEU C 40 13.96 9.21 -26.19
CA LEU C 40 13.51 7.93 -25.62
C LEU C 40 13.73 6.77 -26.60
N SER C 41 13.50 7.04 -27.88
CA SER C 41 13.67 6.04 -28.94
C SER C 41 15.13 5.63 -29.08
N ASN C 42 16.04 6.57 -28.79
CA ASN C 42 17.45 6.33 -29.01
C ASN C 42 18.19 6.02 -27.72
N GLY C 43 17.44 5.92 -26.61
CA GLY C 43 18.04 5.59 -25.33
C GLY C 43 18.88 6.69 -24.71
N ARG C 44 18.66 7.93 -25.15
CA ARG C 44 19.40 9.07 -24.64
C ARG C 44 18.84 9.55 -23.30
N ALA C 45 19.64 10.26 -22.51
CA ALA C 45 19.19 10.68 -21.18
C ALA C 45 18.02 11.65 -21.25
N VAL C 46 16.98 11.35 -20.45
CA VAL C 46 15.81 12.23 -20.30
C VAL C 46 15.58 12.45 -18.81
N VAL C 47 15.30 13.68 -18.43
CA VAL C 47 14.95 13.98 -17.03
C VAL C 47 13.55 14.57 -16.94
N ALA C 48 12.67 13.86 -16.23
CA ALA C 48 11.32 14.38 -16.02
C ALA C 48 11.36 15.49 -14.97
N LEU C 49 10.47 16.46 -15.14
CA LEU C 49 10.31 17.59 -14.24
C LEU C 49 8.82 17.78 -13.97
N GLU C 50 8.48 18.20 -12.76
CA GLU C 50 7.07 18.40 -12.42
C GLU C 50 6.65 19.83 -12.73
N SER C 51 5.37 20.14 -12.67
CA SER C 51 4.97 21.50 -13.04
C SER C 51 4.30 22.27 -11.89
N THR C 52 4.00 21.62 -10.77
CA THR C 52 3.35 22.33 -9.68
C THR C 52 4.27 23.42 -9.09
N ILE C 53 5.58 23.24 -9.18
CA ILE C 53 6.49 24.31 -8.73
C ILE C 53 6.31 25.55 -9.59
N ILE C 54 6.02 25.34 -10.87
CA ILE C 54 5.72 26.48 -11.75
C ILE C 54 4.42 27.17 -11.35
N SER C 55 3.36 26.40 -11.17
CA SER C 55 2.05 27.01 -10.96
C SER C 55 1.81 27.48 -9.54
N HIS C 56 2.38 26.76 -8.56
CA HIS C 56 2.05 26.99 -7.17
C HIS C 56 3.27 27.30 -6.30
N GLY C 57 4.45 27.32 -6.93
CA GLY C 57 5.69 27.53 -6.22
C GLY C 57 6.19 28.98 -6.24
N MET C 58 5.85 29.72 -7.28
CA MET C 58 6.25 31.12 -7.34
C MET C 58 5.44 31.90 -8.35
N PRO C 59 5.43 33.23 -8.21
CA PRO C 59 4.67 34.13 -9.10
C PRO C 59 5.22 34.27 -10.53
N TYR C 60 4.33 34.59 -11.48
CA TYR C 60 4.71 34.83 -12.87
C TYR C 60 5.27 36.25 -13.02
N PRO C 61 6.36 36.44 -13.80
CA PRO C 61 7.11 35.52 -14.65
C PRO C 61 8.31 34.84 -13.98
N GLN C 62 8.54 35.03 -12.68
CA GLN C 62 9.67 34.34 -12.07
C GLN C 62 9.54 32.82 -12.22
N ASN C 63 8.30 32.33 -12.20
CA ASN C 63 8.09 30.90 -12.33
C ASN C 63 8.59 30.41 -13.68
N LEU C 64 8.32 31.19 -14.72
CA LEU C 64 8.76 30.87 -16.07
C LEU C 64 10.27 30.94 -16.14
N GLN C 65 10.85 31.96 -15.52
CA GLN C 65 12.30 32.14 -15.53
C GLN C 65 13.02 30.96 -14.84
N THR C 66 12.50 30.53 -13.70
CA THR C 66 13.13 29.45 -12.97
C THR C 66 13.00 28.14 -13.73
N ALA C 67 11.83 27.92 -14.32
CA ALA C 67 11.58 26.72 -15.12
C ALA C 67 12.53 26.65 -16.31
N LYS C 68 12.72 27.78 -17.01
CA LYS C 68 13.65 27.82 -18.14
C LYS C 68 15.07 27.54 -17.71
N GLU C 69 15.47 28.10 -16.57
CA GLU C 69 16.82 27.90 -16.06
C GLU C 69 17.05 26.44 -15.69
N VAL C 70 16.07 25.81 -15.08
CA VAL C 70 16.21 24.40 -14.72
C VAL C 70 16.34 23.55 -15.98
N GLU C 71 15.50 23.81 -16.98
CA GLU C 71 15.56 23.04 -18.21
C GLU C 71 16.91 23.27 -18.89
N SER C 72 17.45 24.48 -18.77
CA SER C 72 18.75 24.79 -19.35
C SER C 72 19.89 24.01 -18.66
N ILE C 73 19.80 23.88 -17.34
CA ILE C 73 20.78 23.08 -16.61
C ILE C 73 20.74 21.61 -17.04
N VAL C 74 19.54 21.07 -17.19
CA VAL C 74 19.38 19.71 -17.67
C VAL C 74 20.05 19.55 -19.06
N ARG C 75 19.74 20.45 -20.00
CA ARG C 75 20.32 20.35 -21.35
C ARG C 75 21.84 20.54 -21.31
N GLU C 76 22.32 21.44 -20.44
CA GLU C 76 23.77 21.74 -20.36
C GLU C 76 24.57 20.54 -19.87
N ASN C 77 23.90 19.66 -19.14
CA ASN C 77 24.58 18.50 -18.62
C ASN C 77 24.24 17.24 -19.38
N GLY C 78 23.71 17.42 -20.58
CA GLY C 78 23.63 16.31 -21.51
C GLY C 78 22.32 15.55 -21.53
N ALA C 79 21.31 16.08 -20.85
CA ALA C 79 20.03 15.41 -20.84
C ALA C 79 18.93 16.25 -21.50
N ILE C 80 17.83 15.59 -21.84
CA ILE C 80 16.69 16.26 -22.42
C ILE C 80 15.63 16.46 -21.33
N PRO C 81 15.24 17.72 -21.06
CA PRO C 81 14.23 17.95 -20.02
C PRO C 81 12.83 17.64 -20.50
N ALA C 82 12.05 16.97 -19.66
CA ALA C 82 10.69 16.60 -19.97
C ALA C 82 9.78 17.11 -18.87
N THR C 83 9.40 18.38 -18.96
CA THR C 83 8.43 18.94 -18.03
C THR C 83 7.07 18.35 -18.33
N ILE C 84 6.43 17.84 -17.30
CA ILE C 84 5.14 17.19 -17.46
C ILE C 84 4.03 18.07 -16.92
N ALA C 85 2.93 18.15 -17.68
CA ALA C 85 1.76 18.92 -17.30
C ALA C 85 0.53 18.43 -18.03
N ILE C 86 -0.65 18.90 -17.64
CA ILE C 86 -1.85 18.63 -18.40
C ILE C 86 -2.38 19.93 -18.94
N LEU C 87 -2.55 20.03 -20.27
CA LEU C 87 -3.04 21.27 -20.86
C LEU C 87 -4.26 20.99 -21.71
N ASN C 88 -5.36 21.68 -21.37
CA ASN C 88 -6.67 21.46 -22.03
C ASN C 88 -7.04 19.99 -22.06
N GLY C 89 -6.79 19.32 -20.95
CA GLY C 89 -7.12 17.91 -20.81
C GLY C 89 -6.13 16.93 -21.42
N VAL C 90 -5.06 17.44 -22.03
CA VAL C 90 -4.08 16.56 -22.69
C VAL C 90 -2.82 16.44 -21.85
N PRO C 91 -2.49 15.22 -21.39
CA PRO C 91 -1.23 15.03 -20.68
C PRO C 91 -0.07 15.30 -21.62
N CYS C 92 0.82 16.21 -21.24
CA CYS C 92 1.96 16.56 -22.08
C CYS C 92 3.24 16.16 -21.40
N ILE C 93 4.05 15.38 -22.11
CA ILE C 93 5.35 15.01 -21.62
C ILE C 93 6.40 15.73 -22.46
N GLY C 94 6.97 16.77 -21.88
CA GLY C 94 7.80 17.71 -22.60
C GLY C 94 6.87 18.84 -23.03
N LEU C 95 7.24 20.07 -22.70
CA LEU C 95 6.44 21.22 -23.10
C LEU C 95 7.22 22.06 -24.11
N SER C 96 6.52 22.59 -25.10
CA SER C 96 7.14 23.54 -26.01
C SER C 96 7.28 24.84 -25.26
N GLU C 97 8.08 25.75 -25.80
CA GLU C 97 8.24 27.06 -25.18
C GLU C 97 6.90 27.77 -25.05
N GLU C 98 6.08 27.65 -26.08
CA GLU C 98 4.76 28.27 -26.08
C GLU C 98 3.91 27.68 -24.95
N GLU C 99 3.99 26.36 -24.78
CA GLU C 99 3.19 25.68 -23.76
C GLU C 99 3.67 26.04 -22.36
N LEU C 100 4.98 26.12 -22.17
CA LEU C 100 5.55 26.55 -20.89
C LEU C 100 5.13 27.95 -20.53
N GLU C 101 5.22 28.84 -21.51
CA GLU C 101 4.83 30.24 -21.29
C GLU C 101 3.36 30.29 -20.96
N ARG C 102 2.54 29.57 -21.73
CA ARG C 102 1.12 29.60 -21.44
C ARG C 102 0.80 29.09 -20.04
N LEU C 103 1.37 27.96 -19.67
CA LEU C 103 1.15 27.39 -18.33
C LEU C 103 1.55 28.34 -17.22
N ALA C 104 2.74 28.90 -17.35
CA ALA C 104 3.30 29.79 -16.35
C ALA C 104 2.43 31.03 -16.17
N SER C 105 1.84 31.52 -17.26
CA SER C 105 1.10 32.79 -17.20
C SER C 105 -0.25 32.58 -16.53
N LEU C 106 -0.77 31.36 -16.61
CA LEU C 106 -2.00 30.98 -15.90
C LEU C 106 -1.82 31.04 -14.39
N GLY C 107 -0.57 30.92 -13.94
CA GLY C 107 -0.26 31.02 -12.53
C GLY C 107 -1.01 30.02 -11.66
N LYS C 108 -1.54 30.51 -10.53
CA LYS C 108 -2.19 29.65 -9.55
C LYS C 108 -3.61 29.21 -9.93
N SER C 109 -4.11 29.65 -11.08
CA SER C 109 -5.44 29.24 -11.54
C SER C 109 -5.44 27.83 -12.13
N VAL C 110 -4.25 27.29 -12.36
CA VAL C 110 -4.10 25.92 -12.81
C VAL C 110 -4.31 24.99 -11.63
N GLN C 111 -4.97 23.87 -11.88
CA GLN C 111 -5.26 22.90 -10.82
C GLN C 111 -3.99 22.17 -10.35
N LYS C 112 -3.74 22.18 -9.04
CA LYS C 112 -2.70 21.32 -8.47
C LYS C 112 -3.14 19.88 -8.64
N THR C 113 -2.38 19.10 -9.39
CA THR C 113 -2.86 17.78 -9.81
C THR C 113 -2.01 16.65 -9.23
N ALA C 114 -2.50 15.97 -8.18
CA ALA C 114 -1.82 14.75 -7.70
C ALA C 114 -2.20 13.58 -8.61
N GLY C 115 -1.58 12.41 -8.43
CA GLY C 115 -1.95 11.30 -9.29
C GLY C 115 -3.44 11.00 -9.32
N ARG C 116 -4.10 11.10 -8.16
CA ARG C 116 -5.53 10.77 -8.08
C ARG C 116 -6.41 11.83 -8.78
N ASP C 117 -5.84 12.97 -9.16
CA ASP C 117 -6.59 14.05 -9.83
C ASP C 117 -6.46 14.00 -11.35
N ILE C 118 -5.54 13.19 -11.86
CA ILE C 118 -5.27 13.19 -13.29
C ILE C 118 -6.52 12.92 -14.12
N ALA C 119 -7.26 11.87 -13.76
CA ALA C 119 -8.42 11.50 -14.56
C ALA C 119 -9.45 12.63 -14.62
N ASN C 120 -9.64 13.31 -13.49
CA ASN C 120 -10.59 14.41 -13.42
C ASN C 120 -10.16 15.60 -14.29
N VAL C 121 -8.89 15.96 -14.26
CA VAL C 121 -8.42 17.08 -15.09
C VAL C 121 -8.54 16.72 -16.56
N VAL C 122 -8.18 15.48 -16.92
CA VAL C 122 -8.37 15.01 -18.29
C VAL C 122 -9.85 15.07 -18.71
N ALA C 123 -10.74 14.57 -17.85
CA ALA C 123 -12.17 14.49 -18.18
C ALA C 123 -12.83 15.86 -18.32
N THR C 124 -12.37 16.83 -17.55
CA THR C 124 -12.96 18.16 -17.60
C THR C 124 -12.21 19.07 -18.60
N ARG C 125 -11.23 18.51 -19.30
CA ARG C 125 -10.41 19.25 -20.29
C ARG C 125 -9.70 20.44 -19.66
N GLY C 126 -9.29 20.28 -18.41
CA GLY C 126 -8.67 21.37 -17.67
C GLY C 126 -7.15 21.44 -17.83
N ASN C 127 -6.57 22.46 -17.21
CA ASN C 127 -5.14 22.56 -17.09
C ASN C 127 -4.72 22.05 -15.72
N GLY C 128 -3.66 21.26 -15.66
CA GLY C 128 -3.18 20.71 -14.42
C GLY C 128 -1.67 20.79 -14.32
N ALA C 129 -1.19 21.29 -13.19
CA ALA C 129 0.22 21.24 -12.85
C ALA C 129 0.44 20.02 -11.96
N THR C 130 1.26 19.10 -12.43
CA THR C 130 1.39 17.80 -11.77
C THR C 130 2.38 17.80 -10.61
N THR C 131 1.97 17.19 -9.49
CA THR C 131 2.83 17.02 -8.34
C THR C 131 3.78 15.84 -8.58
N VAL C 132 4.59 15.52 -7.58
CA VAL C 132 5.47 14.36 -7.69
C VAL C 132 4.66 13.07 -7.98
N SER C 133 3.53 12.82 -7.29
CA SER C 133 2.81 11.57 -7.51
C SER C 133 2.26 11.46 -8.93
N ALA C 134 1.78 12.56 -9.49
CA ALA C 134 1.24 12.53 -10.86
C ALA C 134 2.36 12.45 -11.90
N THR C 135 3.44 13.16 -11.61
CA THR C 135 4.58 13.25 -12.55
C THR C 135 5.25 11.89 -12.65
N LEU C 136 5.36 11.21 -11.50
CA LEU C 136 5.87 9.83 -11.41
C LEU C 136 5.14 8.89 -12.35
N PHE C 137 3.83 9.00 -12.30
CA PHE C 137 2.95 8.16 -13.08
C PHE C 137 3.22 8.34 -14.56
N PHE C 138 3.21 9.59 -15.04
CA PHE C 138 3.44 9.80 -16.48
C PHE C 138 4.87 9.49 -16.88
N ALA C 139 5.84 9.84 -16.05
CA ALA C 139 7.22 9.56 -16.40
C ALA C 139 7.46 8.07 -16.55
N SER C 140 6.93 7.29 -15.61
CA SER C 140 7.14 5.85 -15.64
C SER C 140 6.43 5.23 -16.83
N MET C 141 5.26 5.79 -17.16
CA MET C 141 4.47 5.36 -18.29
C MET C 141 5.26 5.39 -19.60
N VAL C 142 6.09 6.40 -19.79
CA VAL C 142 6.77 6.51 -21.08
C VAL C 142 8.23 6.06 -21.00
N GLY C 143 8.64 5.56 -19.83
CA GLY C 143 9.97 4.96 -19.70
C GLY C 143 11.06 5.92 -19.30
N ILE C 144 10.69 7.06 -18.72
CA ILE C 144 11.71 7.94 -18.17
C ILE C 144 12.11 7.39 -16.80
N GLN C 145 13.40 7.30 -16.54
CA GLN C 145 13.89 6.66 -15.31
C GLN C 145 14.31 7.65 -14.21
N VAL C 146 14.50 8.91 -14.56
CA VAL C 146 15.04 9.89 -13.61
C VAL C 146 14.12 11.08 -13.57
N PHE C 147 13.71 11.45 -12.37
CA PHE C 147 12.74 12.52 -12.16
C PHE C 147 13.36 13.50 -11.16
N VAL C 148 13.65 14.72 -11.60
CA VAL C 148 14.21 15.73 -10.70
C VAL C 148 13.09 16.59 -10.13
N THR C 149 13.12 16.72 -8.81
CA THR C 149 12.17 17.56 -8.10
C THR C 149 12.93 18.43 -7.13
N GLY C 150 12.22 19.26 -6.38
CA GLY C 150 12.84 20.02 -5.30
C GLY C 150 12.79 19.16 -4.04
N GLY C 151 11.59 19.02 -3.48
CA GLY C 151 11.39 18.18 -2.32
C GLY C 151 10.21 17.28 -2.60
N ILE C 152 10.13 16.18 -1.89
CA ILE C 152 9.01 15.26 -2.04
C ILE C 152 8.07 15.48 -0.87
N GLY C 153 6.78 15.19 -1.08
CA GLY C 153 5.82 15.20 0.00
C GLY C 153 6.17 14.15 1.04
N GLY C 154 5.55 14.22 2.21
CA GLY C 154 5.89 13.26 3.25
C GLY C 154 4.80 13.10 4.29
N VAL C 155 5.21 12.62 5.46
CA VAL C 155 4.33 12.53 6.60
C VAL C 155 4.25 13.90 7.24
N HIS C 156 3.06 14.46 7.33
CA HIS C 156 2.91 15.79 7.90
C HIS C 156 3.07 15.73 9.41
N ARG C 157 3.42 16.85 10.02
CA ARG C 157 3.54 16.84 11.47
C ARG C 157 2.19 16.51 12.11
N HIS C 158 2.21 15.71 13.18
CA HIS C 158 0.99 15.29 13.87
C HIS C 158 0.09 14.35 13.06
N ALA C 159 0.67 13.59 12.13
CA ALA C 159 -0.11 12.67 11.30
C ALA C 159 -0.83 11.55 12.09
N ASN C 160 -0.39 11.31 13.32
CA ASN C 160 -1.10 10.35 14.19
C ASN C 160 -2.44 10.92 14.63
N HIS C 161 -2.58 12.22 14.51
CA HIS C 161 -3.84 12.87 14.80
C HIS C 161 -4.61 13.12 13.49
N SER C 162 -3.89 13.11 12.37
CA SER C 162 -4.56 13.44 11.10
C SER C 162 -4.53 12.33 10.06
N MET C 163 -3.49 11.50 10.11
CA MET C 163 -3.13 10.56 9.03
C MET C 163 -2.86 11.27 7.69
N ASP C 164 -2.49 12.55 7.77
CA ASP C 164 -2.14 13.33 6.57
C ASP C 164 -0.73 12.96 6.08
N ILE C 165 -0.67 12.16 5.01
CA ILE C 165 0.55 11.60 4.47
C ILE C 165 0.51 11.73 2.96
N SER C 166 1.58 12.27 2.36
CA SER C 166 1.55 12.54 0.94
C SER C 166 1.43 11.26 0.12
N SER C 167 0.61 11.29 -0.93
CA SER C 167 0.53 10.17 -1.86
C SER C 167 1.85 10.02 -2.61
N ASP C 168 2.74 11.00 -2.52
CA ASP C 168 4.06 10.85 -3.12
C ASP C 168 4.72 9.57 -2.60
N LEU C 169 4.53 9.24 -1.32
CA LEU C 169 5.28 8.13 -0.75
C LEU C 169 4.74 6.79 -1.26
N THR C 170 3.43 6.67 -1.34
CA THR C 170 2.84 5.43 -1.82
C THR C 170 3.12 5.28 -3.31
N ALA C 171 3.03 6.39 -4.05
CA ALA C 171 3.32 6.38 -5.49
C ALA C 171 4.73 5.86 -5.75
N LEU C 172 5.71 6.39 -5.03
CA LEU C 172 7.10 5.97 -5.21
C LEU C 172 7.27 4.51 -4.78
N GLY C 173 6.48 4.09 -3.79
CA GLY C 173 6.52 2.71 -3.33
C GLY C 173 6.02 1.71 -4.36
N ARG C 174 5.30 2.17 -5.38
CA ARG C 174 4.86 1.24 -6.40
C ARG C 174 5.14 1.71 -7.81
N THR C 175 6.10 2.62 -7.97
CA THR C 175 6.53 3.07 -9.28
C THR C 175 8.04 2.99 -9.41
N PRO C 176 8.55 2.19 -10.35
CA PRO C 176 10.00 2.02 -10.41
C PRO C 176 10.70 3.15 -11.17
N ILE C 177 10.99 4.24 -10.48
CA ILE C 177 11.59 5.42 -11.05
C ILE C 177 12.45 6.01 -9.95
N ALA C 178 13.51 6.73 -10.34
CA ALA C 178 14.35 7.39 -9.35
C ALA C 178 13.95 8.86 -9.24
N VAL C 179 13.68 9.29 -8.02
CA VAL C 179 13.37 10.68 -7.74
C VAL C 179 14.57 11.36 -7.15
N ILE C 180 14.99 12.48 -7.76
CA ILE C 180 16.14 13.24 -7.29
C ILE C 180 15.63 14.45 -6.53
N SER C 181 15.83 14.44 -5.22
CA SER C 181 15.30 15.49 -4.35
C SER C 181 16.40 16.05 -3.50
N ALA C 182 16.11 17.11 -2.76
CA ALA C 182 17.02 17.59 -1.72
C ALA C 182 16.50 17.14 -0.36
N GLY C 183 15.78 16.03 -0.36
CA GLY C 183 15.29 15.50 0.90
C GLY C 183 13.86 15.94 1.11
N VAL C 184 13.50 16.15 2.38
CA VAL C 184 12.15 16.51 2.78
C VAL C 184 12.13 17.80 3.60
N ALA C 185 11.23 18.73 3.28
CA ALA C 185 11.18 20.00 4.04
C ALA C 185 10.76 19.77 5.49
N SER C 186 11.27 20.60 6.39
CA SER C 186 10.96 20.48 7.81
C SER C 186 9.51 20.89 8.14
N ILE C 187 8.76 21.38 7.16
CA ILE C 187 7.32 21.50 7.36
C ILE C 187 6.69 20.12 7.58
N LEU C 188 7.40 19.08 7.12
CA LEU C 188 7.00 17.68 7.32
C LEU C 188 7.78 17.00 8.46
N ASP C 189 7.32 15.81 8.85
CA ASP C 189 7.98 15.02 9.88
C ASP C 189 9.03 14.12 9.23
N ILE C 190 10.30 14.51 9.29
CA ILE C 190 11.34 13.81 8.55
C ILE C 190 11.59 12.38 9.04
N PRO C 191 11.75 12.18 10.35
CA PRO C 191 11.93 10.81 10.86
C PRO C 191 10.76 9.87 10.47
N LYS C 192 9.52 10.33 10.58
CA LYS C 192 8.38 9.49 10.21
C LYS C 192 8.30 9.27 8.69
N THR C 193 8.69 10.28 7.92
CA THR C 193 8.69 10.13 6.47
C THR C 193 9.72 9.06 6.08
N LEU C 194 10.88 9.07 6.73
CA LEU C 194 11.91 8.04 6.45
C LEU C 194 11.40 6.64 6.83
N GLU C 195 10.71 6.51 7.96
CA GLU C 195 10.13 5.21 8.36
C GLU C 195 9.10 4.75 7.34
N TYR C 196 8.25 5.68 6.91
CA TYR C 196 7.18 5.33 5.96
C TYR C 196 7.77 4.83 4.63
N LEU C 197 8.78 5.54 4.14
CA LEU C 197 9.48 5.11 2.93
C LEU C 197 10.10 3.72 3.07
N GLU C 198 10.71 3.43 4.22
CA GLU C 198 11.23 2.08 4.43
C GLU C 198 10.11 1.03 4.36
N THR C 199 8.97 1.32 5.02
CA THR C 199 7.84 0.37 5.01
C THR C 199 7.33 0.15 3.59
N GLN C 200 7.40 1.20 2.75
CA GLN C 200 6.95 1.14 1.36
C GLN C 200 7.96 0.53 0.42
N GLU C 201 9.10 0.10 0.98
CA GLU C 201 10.22 -0.49 0.24
C GLU C 201 10.90 0.48 -0.76
N VAL C 202 10.93 1.76 -0.42
CA VAL C 202 11.64 2.73 -1.26
C VAL C 202 13.08 2.83 -0.78
N TYR C 203 14.04 2.60 -1.68
CA TYR C 203 15.46 2.77 -1.34
C TYR C 203 15.71 4.28 -1.22
N VAL C 204 16.28 4.68 -0.10
CA VAL C 204 16.61 6.06 0.20
C VAL C 204 18.12 6.19 0.41
N ALA C 205 18.74 7.13 -0.30
CA ALA C 205 20.18 7.37 -0.11
C ALA C 205 20.50 8.87 -0.19
N ALA C 206 21.32 9.32 0.74
CA ALA C 206 21.82 10.69 0.72
C ALA C 206 23.07 10.76 -0.15
N TYR C 207 23.22 11.88 -0.85
CA TYR C 207 24.32 12.03 -1.80
C TYR C 207 25.52 12.66 -1.13
N LYS C 208 26.60 11.89 -1.05
CA LYS C 208 27.89 12.32 -0.50
C LYS C 208 27.80 12.84 0.93
N SER C 209 26.96 12.19 1.74
CA SER C 209 26.79 12.55 3.13
C SER C 209 26.19 11.39 3.90
N ASP C 210 26.51 11.32 5.19
CA ASP C 210 25.90 10.35 6.06
C ASP C 210 24.64 10.95 6.67
N GLU C 211 24.42 12.24 6.45
CA GLU C 211 23.27 12.90 7.05
C GLU C 211 22.20 13.20 6.02
N PHE C 212 20.95 12.84 6.37
CA PHE C 212 19.83 13.07 5.47
C PHE C 212 19.52 14.56 5.42
N PRO C 213 19.42 15.12 4.20
CA PRO C 213 19.24 16.57 4.14
C PRO C 213 17.81 17.02 4.45
N ALA C 214 17.63 18.30 4.78
CA ALA C 214 16.31 18.82 5.10
C ALA C 214 15.93 19.96 4.19
N PHE C 215 16.03 19.74 2.87
CA PHE C 215 15.48 20.67 1.88
C PHE C 215 16.20 22.02 1.95
N PHE C 216 15.60 23.01 2.64
CA PHE C 216 16.19 24.35 2.79
C PHE C 216 17.56 24.34 3.43
N THR C 217 17.80 23.36 4.28
CA THR C 217 19.03 23.28 5.06
C THR C 217 19.68 21.95 4.77
N GLU C 218 21.01 21.88 4.86
CA GLU C 218 21.68 20.65 4.46
C GLU C 218 21.53 19.53 5.48
N LYS C 219 21.29 19.90 6.73
CA LYS C 219 21.27 18.94 7.84
C LYS C 219 19.89 18.78 8.51
N SER C 220 19.40 17.55 8.61
CA SER C 220 18.09 17.29 9.20
C SER C 220 18.12 16.81 10.65
N GLY C 221 19.27 16.29 11.08
CA GLY C 221 19.37 15.65 12.39
C GLY C 221 19.16 14.14 12.30
N CYS C 222 18.83 13.64 11.11
CA CYS C 222 18.64 12.22 10.91
C CYS C 222 19.78 11.67 10.08
N LYS C 223 20.27 10.50 10.49
CA LYS C 223 21.27 9.79 9.71
C LYS C 223 20.58 9.29 8.43
N ALA C 224 21.27 9.32 7.31
CA ALA C 224 20.73 8.73 6.08
C ALA C 224 20.77 7.20 6.16
N PRO C 225 19.69 6.53 5.69
CA PRO C 225 19.68 5.08 5.77
C PRO C 225 20.68 4.46 4.83
N SER C 226 21.09 5.20 3.80
CA SER C 226 22.12 4.72 2.88
C SER C 226 22.78 5.91 2.22
N ARG C 227 23.88 5.65 1.53
CA ARG C 227 24.66 6.72 0.95
C ARG C 227 25.19 6.32 -0.43
N VAL C 228 25.22 7.29 -1.33
CA VAL C 228 25.82 7.14 -2.64
C VAL C 228 26.77 8.30 -2.87
N ASN C 229 27.86 8.06 -3.57
CA ASN C 229 28.91 9.05 -3.64
C ASN C 229 29.22 9.62 -5.02
N SER C 230 28.47 9.20 -6.03
CA SER C 230 28.69 9.77 -7.36
C SER C 230 27.49 9.52 -8.24
N PRO C 231 27.38 10.26 -9.35
CA PRO C 231 26.28 10.04 -10.29
C PRO C 231 26.35 8.63 -10.87
N GLU C 232 27.57 8.11 -11.02
CA GLU C 232 27.72 6.76 -11.55
C GLU C 232 27.19 5.74 -10.54
N ASP C 233 27.43 5.97 -9.26
CA ASP C 233 26.93 5.09 -8.21
C ASP C 233 25.41 5.04 -8.25
N CYS C 234 24.79 6.21 -8.40
CA CYS C 234 23.33 6.30 -8.48
C CYS C 234 22.83 5.52 -9.67
N ALA C 235 23.49 5.68 -10.81
CA ALA C 235 23.05 5.01 -12.04
C ALA C 235 23.13 3.49 -11.91
N ARG C 236 24.14 3.00 -11.21
CA ARG C 236 24.26 1.55 -11.06
C ARG C 236 23.12 0.98 -10.20
N VAL C 237 22.70 1.70 -9.16
CA VAL C 237 21.54 1.24 -8.38
C VAL C 237 20.27 1.25 -9.24
N ILE C 238 20.07 2.31 -10.02
CA ILE C 238 18.90 2.38 -10.88
C ILE C 238 18.89 1.27 -11.90
N ASP C 239 20.05 1.03 -12.50
CA ASP C 239 20.20 -0.02 -13.49
C ASP C 239 19.85 -1.39 -12.87
N ALA C 240 20.35 -1.62 -11.65
CA ALA C 240 20.03 -2.87 -10.95
C ALA C 240 18.54 -3.00 -10.72
N ASN C 241 17.92 -1.89 -10.30
CA ASN C 241 16.49 -1.89 -10.02
C ASN C 241 15.68 -2.24 -11.25
N MET C 242 16.09 -1.69 -12.40
CA MET C 242 15.43 -1.96 -13.67
C MET C 242 15.57 -3.43 -14.10
N LYS C 243 16.77 -3.96 -13.98
CA LYS C 243 17.05 -5.35 -14.38
C LYS C 243 16.30 -6.36 -13.51
N LEU C 244 16.13 -6.03 -12.23
CA LEU C 244 15.37 -6.89 -11.32
C LEU C 244 13.86 -6.82 -11.56
N ASN C 245 13.42 -5.80 -12.30
CA ASN C 245 12.00 -5.55 -12.50
C ASN C 245 11.27 -5.29 -11.18
N ARG C 246 11.95 -4.69 -10.22
CA ARG C 246 11.28 -4.30 -8.98
C ARG C 246 10.25 -3.22 -9.25
N GLN C 247 9.10 -3.28 -8.60
CA GLN C 247 8.07 -2.30 -8.86
C GLN C 247 7.98 -1.25 -7.76
N ALA C 248 9.12 -0.96 -7.13
CA ALA C 248 9.27 0.10 -6.16
C ALA C 248 10.37 1.03 -6.64
N GLY C 249 10.29 2.30 -6.23
CA GLY C 249 11.23 3.30 -6.70
C GLY C 249 12.34 3.65 -5.73
N ILE C 250 13.05 4.72 -6.07
CA ILE C 250 14.25 5.16 -5.36
C ILE C 250 14.16 6.66 -5.08
N LEU C 251 14.58 7.07 -3.89
CA LEU C 251 14.73 8.47 -3.54
C LEU C 251 16.20 8.80 -3.30
N PHE C 252 16.79 9.59 -4.17
CA PHE C 252 18.12 10.12 -3.89
C PHE C 252 17.94 11.51 -3.29
N ALA C 253 18.60 11.77 -2.17
CA ALA C 253 18.45 13.05 -1.47
C ALA C 253 19.78 13.82 -1.54
N ILE C 254 19.77 14.90 -2.31
CA ILE C 254 20.98 15.70 -2.56
C ILE C 254 21.01 16.91 -1.64
N PRO C 255 21.92 16.94 -0.66
CA PRO C 255 21.90 18.12 0.23
C PRO C 255 22.11 19.42 -0.54
N ILE C 256 21.36 20.46 -0.19
CA ILE C 256 21.57 21.78 -0.79
C ILE C 256 23.02 22.23 -0.57
N PRO C 257 23.64 22.87 -1.59
CA PRO C 257 25.03 23.30 -1.42
C PRO C 257 25.20 24.18 -0.19
N LYS C 258 26.30 23.96 0.53
CA LYS C 258 26.50 24.59 1.84
C LYS C 258 26.31 26.10 1.78
N HIS C 259 26.79 26.73 0.70
CA HIS C 259 26.71 28.18 0.56
C HIS C 259 25.29 28.67 0.33
N HIS C 260 24.39 27.76 -0.03
CA HIS C 260 23.01 28.15 -0.29
C HIS C 260 22.08 27.70 0.83
N SER C 261 22.61 26.96 1.79
CA SER C 261 21.81 26.43 2.90
C SER C 261 21.23 27.58 3.74
N ALA C 262 19.95 27.49 4.07
CA ALA C 262 19.31 28.53 4.89
C ALA C 262 19.51 28.27 6.39
N ALA C 263 19.53 29.33 7.19
CA ALA C 263 19.71 29.20 8.62
C ALA C 263 18.61 28.33 9.21
N GLY C 264 18.99 27.28 9.94
CA GLY C 264 18.02 26.33 10.42
C GLY C 264 17.11 26.87 11.51
N ASN C 265 17.50 27.98 12.15
CA ASN C 265 16.69 28.48 13.24
C ASN C 265 15.66 29.43 12.68
N LEU C 266 16.02 30.15 11.61
CA LEU C 266 15.08 31.02 10.95
C LEU C 266 14.00 30.21 10.26
N ILE C 267 14.40 29.09 9.65
CA ILE C 267 13.46 28.25 8.94
C ILE C 267 12.49 27.55 9.93
N GLU C 268 13.03 27.02 11.01
CA GLU C 268 12.19 26.35 11.99
C GLU C 268 11.21 27.32 12.65
N SER C 269 11.66 28.53 12.98
CA SER C 269 10.77 29.52 13.57
C SER C 269 9.62 29.89 12.61
N ALA C 270 9.96 30.15 11.35
CA ALA C 270 8.94 30.45 10.34
C ALA C 270 8.00 29.25 10.13
N THR C 271 8.60 28.07 10.09
CA THR C 271 7.81 26.85 9.88
C THR C 271 6.76 26.65 10.99
N GLN C 272 7.17 26.83 12.24
CA GLN C 272 6.24 26.67 13.37
C GLN C 272 5.08 27.66 13.29
N ARG C 273 5.38 28.90 12.93
CA ARG C 273 4.34 29.90 12.82
C ARG C 273 3.38 29.57 11.69
N ALA C 274 3.93 29.17 10.55
CA ALA C 274 3.12 28.79 9.39
C ALA C 274 2.22 27.59 9.70
N LEU C 275 2.76 26.59 10.40
CA LEU C 275 1.97 25.42 10.75
C LEU C 275 0.77 25.81 11.62
N THR C 276 1.00 26.67 12.60
CA THR C 276 -0.07 27.12 13.48
C THR C 276 -1.15 27.88 12.72
N GLU C 277 -0.71 28.73 11.78
CA GLU C 277 -1.64 29.51 10.98
C GLU C 277 -2.48 28.61 10.08
N ALA C 278 -1.85 27.56 9.54
CA ALA C 278 -2.58 26.61 8.70
C ALA C 278 -3.67 25.92 9.50
N ARG C 279 -3.34 25.54 10.72
CA ARG C 279 -4.30 24.86 11.59
C ARG C 279 -5.48 25.81 11.90
N GLU C 280 -5.19 27.07 12.15
CA GLU C 280 -6.21 28.02 12.55
C GLU C 280 -7.14 28.44 11.43
N GLN C 281 -6.60 28.47 10.21
CA GLN C 281 -7.37 28.92 9.06
C GLN C 281 -7.95 27.71 8.36
N ASN C 282 -7.80 26.54 9.00
CA ASN C 282 -8.36 25.32 8.47
C ASN C 282 -7.87 25.01 7.06
N VAL C 283 -6.59 25.27 6.81
CA VAL C 283 -5.99 24.90 5.53
C VAL C 283 -5.64 23.42 5.56
N THR C 284 -6.30 22.65 4.72
CA THR C 284 -6.11 21.21 4.77
C THR C 284 -5.91 20.61 3.40
N GLY C 285 -5.61 19.32 3.38
CA GLY C 285 -5.49 18.62 2.12
C GLY C 285 -4.44 19.22 1.21
N ASN C 286 -4.73 19.25 -0.08
CA ASN C 286 -3.73 19.64 -1.07
C ASN C 286 -3.39 21.12 -1.06
N ALA C 287 -4.16 21.91 -0.30
CA ALA C 287 -3.86 23.34 -0.20
C ALA C 287 -2.74 23.58 0.81
N GLU C 288 -2.44 22.57 1.61
CA GLU C 288 -1.55 22.74 2.76
C GLU C 288 -0.10 23.03 2.42
N THR C 289 0.52 22.19 1.62
CA THR C 289 1.94 22.40 1.32
C THR C 289 2.17 23.75 0.62
N PRO C 290 1.37 24.09 -0.40
CA PRO C 290 1.59 25.39 -1.05
C PRO C 290 1.39 26.54 -0.07
N PHE C 291 0.38 26.43 0.80
CA PHE C 291 0.17 27.45 1.82
C PHE C 291 1.38 27.59 2.74
N LEU C 292 1.87 26.46 3.23
CA LEU C 292 3.00 26.49 4.17
C LEU C 292 4.27 27.04 3.52
N LEU C 293 4.59 26.63 2.30
CA LEU C 293 5.83 27.09 1.67
C LEU C 293 5.75 28.57 1.36
N ALA C 294 4.59 29.04 0.92
CA ALA C 294 4.43 30.47 0.63
C ALA C 294 4.56 31.31 1.91
N ARG C 295 3.98 30.84 3.00
CA ARG C 295 4.03 31.58 4.25
C ARG C 295 5.46 31.61 4.83
N VAL C 296 6.17 30.50 4.72
CA VAL C 296 7.53 30.44 5.20
C VAL C 296 8.38 31.42 4.38
N ASN C 297 8.09 31.52 3.08
CA ASN C 297 8.86 32.46 2.27
C ASN C 297 8.57 33.90 2.69
N GLU C 298 7.30 34.21 2.95
CA GLU C 298 6.96 35.53 3.48
C GLU C 298 7.70 35.82 4.77
N LEU C 299 7.62 34.87 5.71
CA LEU C 299 8.19 35.07 7.04
C LEU C 299 9.70 35.17 7.04
N THR C 300 10.36 34.60 6.03
CA THR C 300 11.81 34.67 5.96
C THR C 300 12.28 35.72 4.97
N GLY C 301 11.36 36.55 4.50
CA GLY C 301 11.70 37.66 3.61
C GLY C 301 12.35 37.22 2.31
N GLY C 302 11.98 36.04 1.82
CA GLY C 302 12.48 35.54 0.56
C GLY C 302 13.58 34.51 0.64
N THR C 303 14.15 34.33 1.82
CA THR C 303 15.28 33.44 2.00
C THR C 303 14.94 31.98 1.65
N SER C 304 13.76 31.52 2.06
CA SER C 304 13.44 30.11 1.82
C SER C 304 13.18 29.83 0.35
N LEU C 305 12.50 30.75 -0.34
CA LEU C 305 12.27 30.54 -1.77
C LEU C 305 13.60 30.52 -2.51
N ALA C 306 14.51 31.42 -2.12
CA ALA C 306 15.82 31.45 -2.75
C ALA C 306 16.57 30.12 -2.58
N ALA C 307 16.49 29.54 -1.38
CA ALA C 307 17.09 28.23 -1.14
C ALA C 307 16.40 27.15 -1.99
N ASN C 308 15.08 27.24 -2.09
CA ASN C 308 14.29 26.29 -2.89
C ASN C 308 14.76 26.31 -4.35
N ILE C 309 14.97 27.51 -4.87
CA ILE C 309 15.45 27.65 -6.25
C ILE C 309 16.84 27.07 -6.40
N ALA C 310 17.70 27.33 -5.41
CA ALA C 310 19.06 26.81 -5.42
C ALA C 310 19.10 25.29 -5.39
N LEU C 311 18.28 24.68 -4.55
CA LEU C 311 18.35 23.22 -4.45
C LEU C 311 17.76 22.58 -5.70
N VAL C 312 16.74 23.18 -6.31
CA VAL C 312 16.21 22.58 -7.53
C VAL C 312 17.24 22.61 -8.66
N LYS C 313 17.97 23.72 -8.76
CA LYS C 313 19.04 23.84 -9.76
C LYS C 313 20.15 22.82 -9.49
N ASN C 314 20.50 22.64 -8.21
CA ASN C 314 21.52 21.64 -7.86
C ASN C 314 21.03 20.23 -8.18
N ASN C 315 19.76 19.95 -7.87
CA ASN C 315 19.16 18.66 -8.19
C ASN C 315 19.15 18.40 -9.69
N ALA C 316 18.87 19.43 -10.48
CA ALA C 316 18.86 19.29 -11.93
C ALA C 316 20.27 18.94 -12.45
N LEU C 317 21.28 19.55 -11.86
CA LEU C 317 22.68 19.27 -12.23
C LEU C 317 23.03 17.81 -11.95
N ILE C 318 22.81 17.38 -10.70
CA ILE C 318 23.18 16.02 -10.31
C ILE C 318 22.27 14.99 -10.98
N GLY C 319 20.98 15.30 -11.01
CA GLY C 319 20.00 14.46 -11.68
C GLY C 319 20.32 14.23 -13.15
N SER C 320 20.74 15.28 -13.84
CA SER C 320 21.08 15.13 -15.25
C SER C 320 22.34 14.26 -15.44
N GLN C 321 23.31 14.44 -14.55
CA GLN C 321 24.50 13.60 -14.57
C GLN C 321 24.19 12.12 -14.31
N ILE C 322 23.24 11.86 -13.40
CA ILE C 322 22.80 10.48 -13.17
C ILE C 322 22.15 9.90 -14.40
N ALA C 323 21.26 10.65 -15.03
CA ALA C 323 20.54 10.16 -16.20
C ALA C 323 21.48 9.84 -17.37
N VAL C 324 22.49 10.70 -17.56
CA VAL C 324 23.50 10.48 -18.59
C VAL C 324 24.32 9.23 -18.27
N ALA C 325 24.77 9.10 -17.02
CA ALA C 325 25.48 7.89 -16.59
C ALA C 325 24.63 6.64 -16.81
N LEU C 326 23.33 6.73 -16.52
CA LEU C 326 22.41 5.61 -16.72
C LEU C 326 22.29 5.24 -18.19
N SER C 327 22.14 6.25 -19.04
CA SER C 327 22.09 6.02 -20.48
C SER C 327 23.36 5.31 -20.97
N GLN C 328 24.51 5.70 -20.42
CA GLN C 328 25.80 5.12 -20.84
C GLN C 328 25.91 3.66 -20.39
N LEU C 329 25.40 3.35 -19.20
CA LEU C 329 25.34 1.97 -18.75
C LEU C 329 24.49 1.09 -19.66
N MET C 330 23.33 1.59 -20.06
CA MET C 330 22.40 0.77 -20.84
C MET C 330 22.79 0.63 -22.31
MN MN D . 11.86 -0.88 10.96
N1 PSU E . 16.57 -13.02 12.64
C2 PSU E . 15.52 -13.56 13.53
N3 PSU E . 14.10 -13.18 13.30
C4 PSU E . 13.75 -12.30 12.23
C5 PSU E . 14.82 -11.76 11.38
C6 PSU E . 16.22 -12.15 11.60
O2 PSU E . 15.85 -14.32 14.43
O4 PSU E . 12.59 -11.98 12.05
C1' PSU E . 14.57 -10.87 10.28
C2' PSU E . 13.57 -11.49 9.27
O2' PSU E . 14.22 -11.86 8.06
C3' PSU E . 12.50 -10.38 9.10
C4' PSU E . 13.24 -9.15 9.55
O3' PSU E . 12.19 -10.27 7.70
O4' PSU E . 14.06 -9.61 10.63
C5' PSU E . 12.40 -7.98 9.99
O5' PSU E . 13.23 -6.86 10.23
P PSU E . 12.94 -5.44 9.54
OP1 PSU E . 13.31 -5.53 8.07
OP2 PSU E . 13.75 -4.46 10.36
OP3 PSU E . 11.48 -5.13 9.67
MN MN F . -11.14 -4.00 10.96
C1 RP5 G . -16.31 -3.94 6.66
O4 RP5 G . -14.96 -3.39 6.72
C2 RP5 G . -16.54 -4.63 7.96
O2 RP5 G . -17.73 -4.10 8.61
C3 RP5 G . -15.35 -4.45 8.81
O3 RP5 G . -15.73 -4.08 10.16
C4 RP5 G . -14.60 -3.35 8.14
C5 RP5 G . -13.14 -3.53 8.29
O5 RP5 G . -12.68 -3.93 7.01
P' RP5 G . -12.04 -5.35 6.75
O1X RP5 G . -12.79 -6.15 5.74
O2X RP5 G . -12.03 -6.29 7.90
O3X RP5 G . -10.66 -5.26 6.31
O1 RP5 G . -16.45 -4.84 5.62
H1 RP5 G . -16.96 -3.21 6.55
H2 RP5 G . -16.68 -5.59 7.80
HO2 RP5 G . -17.67 -3.22 8.64
H3 RP5 G . -14.82 -5.26 8.82
HO3 RP5 G . -16.10 -3.28 10.16
H4 RP5 G . -14.87 -2.49 8.52
H51 RP5 G . -12.94 -4.22 8.94
H52 RP5 G . -12.72 -2.69 8.54
HO1 RP5 G . -16.06 -5.62 5.83
MN MN H . -2.10 15.74 2.38
N1 PSU I . 7.86 21.44 -2.88
C2 PSU I . 7.73 22.82 -3.36
N3 PSU I . 6.59 23.22 -4.19
C4 PSU I . 5.60 22.26 -4.53
C5 PSU I . 5.72 20.86 -4.04
C6 PSU I . 6.87 20.49 -3.23
O2 PSU I . 8.57 23.67 -3.07
O4 PSU I . 4.67 22.63 -5.21
C1' PSU I . 4.73 19.87 -4.41
C2' PSU I . 5.42 18.62 -4.98
O2' PSU I . 5.09 18.45 -6.34
C3' PSU I . 4.92 17.49 -4.08
C4' PSU I . 3.65 18.06 -3.53
O3' PSU I . 4.64 16.33 -4.88
O4' PSU I . 3.96 19.44 -3.31
C5' PSU I . 3.15 17.46 -2.23
O5' PSU I . 1.82 17.88 -1.99
P PSU I . 0.75 16.86 -1.42
OP1 PSU I . -0.46 17.69 -1.03
OP2 PSU I . 1.43 16.01 -0.40
OP3 PSU I . 0.28 15.97 -2.56
HN1 PSU I . 8.58 21.19 -2.36
HN3 PSU I . 6.50 24.08 -4.48
H6 PSU I . 6.96 19.57 -2.91
H1' PSU I . 4.25 20.41 -5.06
H2' PSU I . 6.40 18.69 -4.89
HO2' PSU I . 5.37 19.15 -6.80
H3' PSU I . 5.56 17.28 -3.36
H4' PSU I . 2.94 17.99 -4.20
HO3' PSU I . 4.08 16.56 -5.52
H5' PSU I . 3.73 17.75 -1.49
H5'' PSU I . 3.18 16.49 -2.30
#